data_8I6Z
#
_entry.id   8I6Z
#
_cell.length_a   85.788
_cell.length_b   140.355
_cell.length_c   73.859
_cell.angle_alpha   90.00
_cell.angle_beta   97.74
_cell.angle_gamma   90.00
#
_symmetry.space_group_name_H-M   'C 1 2 1'
#
loop_
_entity.id
_entity.type
_entity.pdbx_description
1 polymer 'Short-chain dehydrogenase/reductase SDR'
2 non-polymer GLYCEROL
3 non-polymer 'L(+)-TARTARIC ACID'
4 water water
#
_entity_poly.entity_id   1
_entity_poly.type   'polypeptide(L)'
_entity_poly.pdbx_seq_one_letter_code
;MGSSHHHHHHSSGLVPRGSSATTGARSASVGWAESLIGLHLGKVALITGGSAGIGGQIGRLLALSGARVMLAARDRHKLE
QMQAMIQSELAEVGYTDVEDRVHIAPGCDVSSEAQLADLVERTLSAFGTVDYLINNAGIAGVEEMVIDMPVEGWRHTLFA
NLISNYSLMRKLAPLMKKQGSGYILNVSSYFGGEKDAAIPYPNRADYAVSKAGQRAMAEVFARFLGPEIQINAIAPGPVE
GDRLRGTGERPGLFARRARLILENKRLNELHAALIAAARTDERSMHELVELLLPNDVAALEQNPAAPTALRELARRFRSE
GDPAASSSSALLNRSIAAKLLARLHNGGYVLPADIFANLPNPPDPFFTRAQIDREARKVRDGIMGMLYLQRMPTEFDVAM
ATVYYLADRNVSGETFHPSGGLRYERTPTGGELFGLPSPERLAELVGSTVYLIGEHLTEHLNLLARAYLERYGARQVVMI
VETETGAETMRRLLHDHVEAGRLMTIVAGDQIEAAIDQAITRYGRPGPVVCTPFRPLPTVPLVGRKDSDWSTVLSEAEFA
ELCEHQLTHHFRVARKIALSDGASLALVTPETTATSTTEQFALANFIKTTLHAFTATIGVESERTAQRILINQVDLTRRA
RAEEPRDPHERQQELERFIEAVLLVTAPLPPEADTRYAGRIHRGRAITV
;
_entity_poly.pdbx_strand_id   A
#
loop_
_chem_comp.id
_chem_comp.type
_chem_comp.name
_chem_comp.formula
GOL non-polymer GLYCEROL 'C3 H8 O3'
TLA non-polymer 'L(+)-TARTARIC ACID' 'C4 H6 O6'
#
# COMPACT_ATOMS: atom_id res chain seq x y z
N TRP A 32 -21.69 30.43 -16.26
CA TRP A 32 -21.25 29.48 -15.20
C TRP A 32 -19.83 29.81 -14.75
N ALA A 33 -19.04 30.47 -15.61
CA ALA A 33 -17.62 30.85 -15.37
C ALA A 33 -17.53 32.22 -14.67
N GLU A 34 -18.65 32.92 -14.49
CA GLU A 34 -18.68 34.31 -13.98
C GLU A 34 -17.98 34.39 -12.62
N SER A 35 -18.20 33.45 -11.72
CA SER A 35 -17.61 33.42 -10.34
C SER A 35 -16.15 32.97 -10.37
N LEU A 36 -15.65 32.56 -11.52
CA LEU A 36 -14.32 31.95 -11.64
C LEU A 36 -13.33 32.97 -12.24
N ILE A 37 -13.76 33.73 -13.25
CA ILE A 37 -12.84 34.64 -14.03
C ILE A 37 -12.19 35.60 -13.03
N GLY A 38 -10.87 35.65 -12.99
CA GLY A 38 -10.14 36.57 -12.11
C GLY A 38 -9.69 35.91 -10.83
N LEU A 39 -10.21 34.75 -10.45
CA LEU A 39 -9.91 34.19 -9.10
C LEU A 39 -8.40 33.88 -8.91
N HIS A 40 -7.67 33.49 -9.97
CA HIS A 40 -6.23 33.11 -9.88
C HIS A 40 -5.41 33.88 -10.93
N LEU A 41 -5.84 35.08 -11.27
CA LEU A 41 -5.15 35.95 -12.24
C LEU A 41 -3.72 36.18 -11.76
N GLY A 42 -2.71 36.02 -12.62
CA GLY A 42 -1.29 36.27 -12.27
C GLY A 42 -0.56 35.02 -11.79
N LYS A 43 -1.27 33.92 -11.51
CA LYS A 43 -0.68 32.69 -10.96
C LYS A 43 -0.16 31.85 -12.13
N VAL A 44 0.91 31.14 -11.88
CA VAL A 44 1.42 30.08 -12.80
C VAL A 44 1.16 28.72 -12.14
N ALA A 45 0.52 27.80 -12.86
CA ALA A 45 0.20 26.44 -12.39
C ALA A 45 0.84 25.41 -13.31
N LEU A 46 1.49 24.43 -12.71
CA LEU A 46 1.90 23.18 -13.36
C LEU A 46 0.90 22.11 -12.94
N ILE A 47 0.26 21.50 -13.92
CA ILE A 47 -0.70 20.38 -13.67
C ILE A 47 -0.13 19.13 -14.35
N THR A 48 0.25 18.14 -13.58
CA THR A 48 0.64 16.81 -14.16
C THR A 48 -0.64 16.01 -14.45
N GLY A 49 -0.59 15.08 -15.39
CA GLY A 49 -1.82 14.37 -15.82
C GLY A 49 -2.86 15.34 -16.34
N GLY A 50 -2.45 16.37 -17.08
CA GLY A 50 -3.33 17.50 -17.39
C GLY A 50 -4.05 17.37 -18.73
N SER A 51 -4.02 16.20 -19.37
CA SER A 51 -4.62 16.03 -20.70
C SER A 51 -6.04 15.51 -20.61
N ALA A 52 -6.50 15.08 -19.41
CA ALA A 52 -7.81 14.45 -19.26
C ALA A 52 -8.15 14.30 -17.78
N GLY A 53 -9.33 13.79 -17.50
CA GLY A 53 -9.78 13.53 -16.13
C GLY A 53 -9.87 14.84 -15.33
N ILE A 54 -9.76 14.72 -14.01
CA ILE A 54 -9.86 15.86 -13.08
C ILE A 54 -8.70 16.82 -13.41
N GLY A 55 -7.54 16.30 -13.79
CA GLY A 55 -6.34 17.11 -14.11
C GLY A 55 -6.61 18.07 -15.26
N GLY A 56 -7.18 17.55 -16.34
CA GLY A 56 -7.57 18.38 -17.48
C GLY A 56 -8.58 19.42 -17.08
N GLN A 57 -9.54 19.05 -16.23
CA GLN A 57 -10.56 20.04 -15.79
C GLN A 57 -9.92 21.09 -14.84
N ILE A 58 -8.98 20.71 -13.98
CA ILE A 58 -8.33 21.68 -13.07
C ILE A 58 -7.52 22.66 -13.96
N GLY A 59 -6.80 22.15 -14.95
CA GLY A 59 -6.07 22.96 -15.93
C GLY A 59 -6.99 23.94 -16.62
N ARG A 60 -8.09 23.45 -17.15
CA ARG A 60 -9.11 24.27 -17.82
C ARG A 60 -9.59 25.40 -16.91
N LEU A 61 -10.05 25.07 -15.70
CA LEU A 61 -10.70 26.06 -14.85
C LEU A 61 -9.64 27.02 -14.26
N LEU A 62 -8.43 26.56 -13.98
CA LEU A 62 -7.37 27.51 -13.51
C LEU A 62 -7.08 28.51 -14.64
N ALA A 63 -6.97 28.07 -15.90
CA ALA A 63 -6.78 28.99 -17.04
C ALA A 63 -7.95 29.99 -17.13
N LEU A 64 -9.20 29.54 -17.08
CA LEU A 64 -10.37 30.44 -17.14
C LEU A 64 -10.31 31.38 -15.94
N SER A 65 -9.79 30.94 -14.78
CA SER A 65 -9.68 31.79 -13.57
C SER A 65 -8.59 32.86 -13.76
N GLY A 66 -7.76 32.78 -14.81
CA GLY A 66 -6.71 33.78 -15.12
C GLY A 66 -5.29 33.25 -14.92
N ALA A 67 -5.09 32.00 -14.52
CA ALA A 67 -3.75 31.42 -14.36
C ALA A 67 -3.19 31.12 -15.74
N ARG A 68 -1.86 31.20 -15.86
CA ARG A 68 -1.06 30.57 -16.94
C ARG A 68 -0.80 29.13 -16.50
N VAL A 69 -1.05 28.17 -17.37
CA VAL A 69 -0.94 26.73 -17.01
C VAL A 69 0.02 25.98 -17.95
N MET A 70 0.84 25.11 -17.38
CA MET A 70 1.59 24.04 -18.10
C MET A 70 0.89 22.72 -17.79
N LEU A 71 0.37 22.06 -18.82
CA LEU A 71 -0.28 20.74 -18.73
C LEU A 71 0.74 19.68 -19.16
N ALA A 72 1.06 18.75 -18.27
CA ALA A 72 1.99 17.66 -18.57
C ALA A 72 1.21 16.34 -18.68
N ALA A 73 1.67 15.46 -19.57
CA ALA A 73 1.06 14.15 -19.77
C ALA A 73 1.96 13.36 -20.73
N ARG A 74 1.60 12.11 -20.94
CA ARG A 74 2.30 11.17 -21.86
C ARG A 74 1.92 11.47 -23.32
N ASP A 75 0.64 11.27 -23.67
CA ASP A 75 0.15 11.30 -25.07
C ASP A 75 0.14 12.75 -25.59
N ARG A 76 0.93 13.05 -26.60
CA ARG A 76 0.99 14.39 -27.22
C ARG A 76 -0.38 14.75 -27.77
N HIS A 77 -1.02 13.82 -28.49
CA HIS A 77 -2.27 14.09 -29.25
C HIS A 77 -3.37 14.52 -28.27
N LYS A 78 -3.62 13.77 -27.21
CA LYS A 78 -4.64 14.15 -26.18
C LYS A 78 -4.28 15.53 -25.56
N LEU A 79 -3.03 15.80 -25.23
CA LEU A 79 -2.57 17.12 -24.68
C LEU A 79 -2.85 18.26 -25.66
N GLU A 80 -2.56 18.05 -26.94
CA GLU A 80 -2.79 19.09 -27.98
C GLU A 80 -4.29 19.37 -28.08
N GLN A 81 -5.14 18.35 -28.01
CA GLN A 81 -6.61 18.57 -28.08
C GLN A 81 -7.08 19.37 -26.86
N MET A 82 -6.59 19.03 -25.67
CA MET A 82 -6.96 19.72 -24.40
C MET A 82 -6.50 21.19 -24.49
N GLN A 83 -5.27 21.40 -24.92
CA GLN A 83 -4.68 22.75 -25.07
C GLN A 83 -5.57 23.55 -26.04
N ALA A 84 -6.00 22.96 -27.15
CA ALA A 84 -6.81 23.67 -28.16
C ALA A 84 -8.15 24.06 -27.56
N MET A 85 -8.81 23.13 -26.87
CA MET A 85 -10.15 23.40 -26.29
C MET A 85 -10.03 24.53 -25.27
N ILE A 86 -9.01 24.48 -24.42
CA ILE A 86 -8.84 25.51 -23.36
C ILE A 86 -8.53 26.85 -24.03
N GLN A 87 -7.58 26.86 -24.97
CA GLN A 87 -7.26 28.11 -25.68
C GLN A 87 -8.52 28.68 -26.34
N SER A 88 -9.32 27.85 -26.96
CA SER A 88 -10.55 28.30 -27.64
C SER A 88 -11.53 28.90 -26.63
N GLU A 89 -11.70 28.27 -25.47
CA GLU A 89 -12.58 28.79 -24.41
C GLU A 89 -12.02 30.10 -23.81
N LEU A 90 -10.73 30.20 -23.56
CA LEU A 90 -10.14 31.49 -23.09
C LEU A 90 -10.47 32.62 -24.11
N ALA A 91 -10.23 32.38 -25.41
CA ALA A 91 -10.54 33.37 -26.48
C ALA A 91 -12.01 33.76 -26.42
N GLU A 92 -12.91 32.77 -26.25
CA GLU A 92 -14.35 33.00 -26.20
C GLU A 92 -14.71 33.94 -25.03
N VAL A 93 -14.04 33.83 -23.87
CA VAL A 93 -14.38 34.69 -22.70
C VAL A 93 -13.57 36.00 -22.74
N GLY A 94 -12.65 36.17 -23.68
CA GLY A 94 -12.01 37.47 -24.01
C GLY A 94 -10.54 37.57 -23.68
N TYR A 95 -9.87 36.49 -23.27
CA TYR A 95 -8.40 36.54 -23.11
C TYR A 95 -7.80 36.75 -24.50
N THR A 96 -6.63 37.38 -24.53
CA THR A 96 -5.86 37.58 -25.77
C THR A 96 -4.59 36.77 -25.60
N ASP A 97 -3.88 36.54 -26.70
CA ASP A 97 -2.55 35.91 -26.66
C ASP A 97 -2.68 34.57 -25.91
N VAL A 98 -3.71 33.78 -26.27
CA VAL A 98 -4.11 32.56 -25.52
C VAL A 98 -3.00 31.52 -25.63
N GLU A 99 -2.17 31.58 -26.66
CA GLU A 99 -1.04 30.62 -26.84
C GLU A 99 -0.03 30.85 -25.73
N ASP A 100 0.04 32.07 -25.18
CA ASP A 100 0.97 32.35 -24.06
C ASP A 100 0.40 31.89 -22.71
N ARG A 101 -0.87 31.46 -22.64
CA ARG A 101 -1.54 31.20 -21.34
C ARG A 101 -1.66 29.69 -21.10
N VAL A 102 -1.49 28.83 -22.13
CA VAL A 102 -1.66 27.35 -21.99
C VAL A 102 -0.56 26.66 -22.76
N HIS A 103 0.43 26.15 -22.06
CA HIS A 103 1.55 25.36 -22.65
C HIS A 103 1.34 23.87 -22.31
N ILE A 104 2.01 22.99 -23.05
CA ILE A 104 1.93 21.52 -22.82
C ILE A 104 3.34 20.97 -22.77
N ALA A 105 3.48 19.85 -22.07
CA ALA A 105 4.74 19.11 -21.93
C ALA A 105 4.38 17.67 -22.21
N PRO A 106 4.39 17.29 -23.51
CA PRO A 106 4.06 15.94 -23.92
C PRO A 106 5.20 14.97 -23.63
N GLY A 107 4.93 13.66 -23.68
CA GLY A 107 5.97 12.64 -23.47
C GLY A 107 6.52 12.66 -22.04
N CYS A 108 5.76 13.21 -21.09
CA CYS A 108 6.18 13.34 -19.68
C CYS A 108 5.64 12.14 -18.88
N ASP A 109 6.52 11.24 -18.51
CA ASP A 109 6.24 10.06 -17.65
C ASP A 109 6.72 10.45 -16.25
N VAL A 110 5.81 10.77 -15.32
CA VAL A 110 6.22 11.25 -13.96
C VAL A 110 6.96 10.15 -13.15
N SER A 111 6.96 8.90 -13.57
CA SER A 111 7.70 7.80 -12.90
C SER A 111 9.19 7.93 -13.14
N SER A 112 9.59 8.79 -14.09
CA SER A 112 11.02 9.00 -14.41
C SER A 112 11.54 10.30 -13.81
N GLU A 113 12.56 10.21 -12.97
CA GLU A 113 13.18 11.39 -12.35
C GLU A 113 13.72 12.32 -13.45
N ALA A 114 14.40 11.81 -14.47
CA ALA A 114 14.96 12.65 -15.56
C ALA A 114 13.86 13.48 -16.22
N GLN A 115 12.72 12.85 -16.50
CA GLN A 115 11.59 13.50 -17.19
C GLN A 115 10.98 14.57 -16.27
N LEU A 116 11.08 14.40 -14.95
CA LEU A 116 10.50 15.41 -14.05
C LEU A 116 11.45 16.62 -14.04
N ALA A 117 12.76 16.41 -14.05
CA ALA A 117 13.73 17.55 -14.19
C ALA A 117 13.49 18.30 -15.50
N ASP A 118 13.25 17.60 -16.60
CA ASP A 118 12.98 18.22 -17.92
C ASP A 118 11.69 19.04 -17.85
N LEU A 119 10.65 18.49 -17.19
CA LEU A 119 9.35 19.19 -17.02
C LEU A 119 9.56 20.54 -16.32
N VAL A 120 10.30 20.55 -15.23
CA VAL A 120 10.52 21.76 -14.42
C VAL A 120 11.35 22.78 -15.24
N GLU A 121 12.37 22.32 -15.99
CA GLU A 121 13.20 23.22 -16.87
C GLU A 121 12.26 23.85 -17.91
N ARG A 122 11.45 23.03 -18.58
CA ARG A 122 10.48 23.48 -19.61
C ARG A 122 9.49 24.50 -19.02
N THR A 123 8.99 24.23 -17.81
CA THR A 123 7.97 25.08 -17.16
C THR A 123 8.61 26.41 -16.76
N LEU A 124 9.75 26.36 -16.11
CA LEU A 124 10.38 27.62 -15.65
C LEU A 124 10.82 28.44 -16.88
N SER A 125 11.25 27.81 -17.99
CA SER A 125 11.59 28.56 -19.23
C SER A 125 10.36 29.28 -19.73
N ALA A 126 9.21 28.58 -19.75
CA ALA A 126 7.94 29.11 -20.30
C ALA A 126 7.44 30.28 -19.43
N PHE A 127 7.45 30.16 -18.10
CA PHE A 127 6.63 31.04 -17.24
C PHE A 127 7.40 31.62 -16.06
N GLY A 128 8.64 31.23 -15.82
CA GLY A 128 9.29 31.56 -14.55
C GLY A 128 8.67 30.77 -13.40
N THR A 129 8.67 31.35 -12.22
CA THR A 129 8.43 30.63 -10.95
C THR A 129 7.01 30.08 -10.98
N VAL A 130 6.88 28.84 -10.58
CA VAL A 130 5.53 28.21 -10.45
C VAL A 130 4.93 28.64 -9.12
N ASP A 131 3.69 29.12 -9.13
CA ASP A 131 2.91 29.40 -7.90
C ASP A 131 2.22 28.12 -7.38
N TYR A 132 1.54 27.43 -8.29
CA TYR A 132 0.75 26.24 -7.89
C TYR A 132 1.27 24.96 -8.53
N LEU A 133 1.72 24.03 -7.70
CA LEU A 133 2.02 22.66 -8.21
C LEU A 133 0.82 21.78 -7.94
N ILE A 134 0.16 21.32 -8.99
CA ILE A 134 -1.01 20.44 -8.91
C ILE A 134 -0.49 19.05 -9.28
N ASN A 135 -0.16 18.27 -8.27
CA ASN A 135 0.41 16.91 -8.39
C ASN A 135 -0.75 15.97 -8.64
N ASN A 136 -1.20 15.89 -9.87
CA ASN A 136 -2.43 15.20 -10.22
C ASN A 136 -2.14 13.83 -10.82
N ALA A 137 -1.07 13.67 -11.58
CA ALA A 137 -0.78 12.47 -12.39
C ALA A 137 -0.91 11.25 -11.49
N GLY A 138 -1.52 10.20 -11.98
CA GLY A 138 -1.72 8.99 -11.17
C GLY A 138 -1.99 7.82 -12.07
N ILE A 139 -1.49 6.65 -11.72
CA ILE A 139 -1.87 5.39 -12.40
C ILE A 139 -2.64 4.52 -11.42
N ALA A 140 -3.48 3.64 -11.97
CA ALA A 140 -4.30 2.70 -11.18
C ALA A 140 -3.39 1.74 -10.39
N GLY A 141 -2.25 1.39 -10.97
CA GLY A 141 -1.24 0.48 -10.44
C GLY A 141 -1.50 -0.97 -10.84
N VAL A 142 -0.99 -1.89 -10.07
CA VAL A 142 -0.90 -3.32 -10.48
C VAL A 142 -2.31 -3.93 -10.54
N GLU A 143 -3.25 -3.51 -9.69
CA GLU A 143 -4.64 -4.06 -9.56
C GLU A 143 -4.59 -5.59 -9.35
N GLU A 144 -3.78 -6.03 -8.41
CA GLU A 144 -3.71 -7.43 -7.93
C GLU A 144 -3.72 -7.41 -6.41
N MET A 145 -4.06 -8.53 -5.80
CA MET A 145 -3.83 -8.76 -4.37
C MET A 145 -2.30 -8.70 -4.15
N VAL A 146 -1.89 -8.42 -2.92
CA VAL A 146 -0.45 -8.33 -2.58
C VAL A 146 0.25 -9.64 -2.98
N ILE A 147 -0.40 -10.80 -2.77
CA ILE A 147 0.33 -12.08 -2.97
C ILE A 147 0.43 -12.37 -4.47
N ASP A 148 -0.23 -11.59 -5.33
CA ASP A 148 -0.04 -11.69 -6.79
C ASP A 148 0.66 -10.43 -7.34
N MET A 149 1.28 -9.61 -6.49
CA MET A 149 1.74 -8.27 -6.97
C MET A 149 3.26 -8.33 -7.16
N PRO A 150 3.77 -8.16 -8.40
CA PRO A 150 5.20 -8.11 -8.64
C PRO A 150 5.80 -6.98 -7.81
N VAL A 151 6.96 -7.24 -7.23
CA VAL A 151 7.65 -6.22 -6.40
C VAL A 151 8.00 -5.01 -7.27
N GLU A 152 8.46 -5.24 -8.50
CA GLU A 152 8.78 -4.11 -9.44
C GLU A 152 7.52 -3.31 -9.79
N GLY A 153 6.38 -3.96 -9.90
CA GLY A 153 5.11 -3.26 -10.18
C GLY A 153 4.73 -2.35 -8.99
N TRP A 154 4.81 -2.85 -7.76
CA TRP A 154 4.59 -1.98 -6.58
C TRP A 154 5.53 -0.78 -6.64
N ARG A 155 6.81 -1.00 -6.89
CA ARG A 155 7.80 0.12 -6.88
C ARG A 155 7.42 1.15 -7.94
N HIS A 156 7.08 0.66 -9.14
CA HIS A 156 6.58 1.52 -10.25
C HIS A 156 5.41 2.38 -9.77
N THR A 157 4.42 1.81 -9.08
CA THR A 157 3.28 2.61 -8.59
C THR A 157 3.78 3.71 -7.66
N LEU A 158 4.67 3.38 -6.73
CA LEU A 158 5.19 4.39 -5.77
C LEU A 158 5.93 5.50 -6.54
N PHE A 159 6.71 5.11 -7.55
CA PHE A 159 7.45 6.13 -8.33
C PHE A 159 6.46 7.06 -9.01
N ALA A 160 5.44 6.52 -9.70
CA ALA A 160 4.50 7.32 -10.52
C ALA A 160 3.62 8.21 -9.64
N ASN A 161 3.16 7.67 -8.50
CA ASN A 161 2.01 8.20 -7.77
C ASN A 161 2.47 9.00 -6.54
N LEU A 162 3.63 8.68 -5.96
CA LEU A 162 4.04 9.26 -4.67
C LEU A 162 5.40 9.96 -4.76
N ILE A 163 6.45 9.23 -5.12
CA ILE A 163 7.82 9.78 -5.22
C ILE A 163 7.86 10.96 -6.21
N SER A 164 7.10 10.93 -7.32
CA SER A 164 6.94 12.04 -8.29
C SER A 164 6.42 13.32 -7.59
N ASN A 165 5.59 13.19 -6.57
CA ASN A 165 4.98 14.34 -5.86
C ASN A 165 6.09 15.00 -5.03
N TYR A 166 6.90 14.22 -4.33
CA TYR A 166 8.03 14.83 -3.58
C TYR A 166 9.06 15.43 -4.55
N SER A 167 9.34 14.72 -5.63
CA SER A 167 10.37 15.16 -6.61
C SER A 167 10.03 16.57 -7.17
N LEU A 168 8.79 16.79 -7.56
CA LEU A 168 8.36 18.10 -8.13
C LEU A 168 8.35 19.13 -7.01
N MET A 169 7.98 18.72 -5.79
CA MET A 169 7.99 19.68 -4.66
C MET A 169 9.44 20.11 -4.37
N ARG A 170 10.34 19.15 -4.38
CA ARG A 170 11.76 19.40 -4.07
C ARG A 170 12.37 20.38 -5.08
N LYS A 171 11.94 20.34 -6.33
CA LYS A 171 12.47 21.22 -7.40
C LYS A 171 11.78 22.58 -7.32
N LEU A 172 10.52 22.65 -6.94
CA LEU A 172 9.76 23.92 -7.09
C LEU A 172 9.62 24.71 -5.80
N ALA A 173 9.69 24.09 -4.64
CA ALA A 173 9.49 24.79 -3.36
C ALA A 173 10.61 25.83 -3.11
N PRO A 174 11.90 25.59 -3.48
CA PRO A 174 12.95 26.60 -3.24
C PRO A 174 12.58 27.96 -3.88
N LEU A 175 12.08 27.94 -5.11
CA LEU A 175 11.66 29.15 -5.85
C LEU A 175 10.42 29.76 -5.22
N MET A 176 9.50 28.94 -4.78
CA MET A 176 8.30 29.42 -4.06
C MET A 176 8.75 30.12 -2.77
N LYS A 177 9.64 29.48 -1.99
CA LYS A 177 10.05 30.09 -0.71
C LYS A 177 10.77 31.42 -1.00
N LYS A 178 11.59 31.45 -2.03
CA LYS A 178 12.40 32.66 -2.38
C LYS A 178 11.45 33.82 -2.74
N GLN A 179 10.37 33.57 -3.48
CA GLN A 179 9.41 34.62 -3.86
C GLN A 179 8.43 34.90 -2.72
N GLY A 180 8.40 34.09 -1.65
CA GLY A 180 7.56 34.33 -0.47
C GLY A 180 6.16 33.73 -0.54
N SER A 181 5.85 32.87 -1.53
CA SER A 181 4.51 32.25 -1.62
C SER A 181 4.54 31.05 -2.57
N GLY A 182 3.70 30.05 -2.28
CA GLY A 182 3.49 28.91 -3.18
C GLY A 182 2.43 28.00 -2.62
N TYR A 183 2.04 27.07 -3.46
CA TYR A 183 0.97 26.11 -3.13
C TYR A 183 1.34 24.78 -3.76
N ILE A 184 1.34 23.72 -2.95
CA ILE A 184 1.46 22.32 -3.41
C ILE A 184 0.12 21.62 -3.11
N LEU A 185 -0.55 21.13 -4.15
CA LEU A 185 -1.78 20.30 -4.00
C LEU A 185 -1.52 18.89 -4.52
N ASN A 186 -1.60 17.92 -3.63
CA ASN A 186 -1.46 16.51 -4.04
C ASN A 186 -2.87 15.94 -4.27
N VAL A 187 -3.09 15.42 -5.46
CA VAL A 187 -4.43 14.85 -5.79
C VAL A 187 -4.45 13.41 -5.30
N SER A 188 -4.89 13.22 -4.06
CA SER A 188 -5.01 11.86 -3.46
C SER A 188 -6.41 11.30 -3.76
N SER A 189 -6.88 10.40 -2.92
CA SER A 189 -8.23 9.76 -3.08
C SER A 189 -8.83 9.48 -1.71
N TYR A 190 -10.15 9.40 -1.64
CA TYR A 190 -10.83 8.98 -0.40
C TYR A 190 -10.20 7.65 0.04
N PHE A 191 -9.76 6.85 -0.94
CA PHE A 191 -9.20 5.50 -0.65
C PHE A 191 -7.76 5.60 -0.11
N GLY A 192 -7.23 6.80 0.08
CA GLY A 192 -5.92 7.00 0.73
C GLY A 192 -6.10 7.17 2.23
N GLY A 193 -7.34 7.10 2.70
CA GLY A 193 -7.63 7.20 4.13
C GLY A 193 -7.73 8.64 4.60
N GLU A 194 -7.73 8.83 5.91
CA GLU A 194 -7.79 10.19 6.49
C GLU A 194 -6.99 10.17 7.78
N LYS A 195 -6.85 11.31 8.42
CA LYS A 195 -6.15 11.36 9.71
C LYS A 195 -6.78 10.34 10.68
N ASP A 196 -5.97 9.48 11.28
CA ASP A 196 -6.43 8.53 12.33
C ASP A 196 -7.36 7.44 11.79
N ALA A 197 -7.50 7.32 10.48
CA ALA A 197 -8.31 6.21 9.93
C ALA A 197 -7.74 5.70 8.62
N ALA A 198 -7.54 4.38 8.54
CA ALA A 198 -7.13 3.82 7.24
C ALA A 198 -8.38 3.33 6.52
N ILE A 199 -8.35 3.37 5.20
CA ILE A 199 -9.47 2.81 4.41
C ILE A 199 -8.93 1.61 3.61
N PRO A 200 -9.33 0.38 3.97
CA PRO A 200 -8.92 -0.81 3.21
C PRO A 200 -9.37 -0.75 1.75
N TYR A 201 -8.45 -1.02 0.82
CA TYR A 201 -8.75 -0.99 -0.64
C TYR A 201 -8.23 -2.30 -1.25
N PRO A 202 -8.89 -3.44 -1.00
CA PRO A 202 -8.42 -4.73 -1.47
C PRO A 202 -8.11 -4.77 -2.98
N ASN A 203 -7.03 -5.45 -3.37
CA ASN A 203 -6.60 -5.55 -4.79
C ASN A 203 -5.99 -4.23 -5.28
N ARG A 204 -5.71 -3.30 -4.35
CA ARG A 204 -5.19 -1.97 -4.72
C ARG A 204 -4.18 -1.45 -3.67
N ALA A 205 -3.43 -2.33 -3.02
CA ALA A 205 -2.52 -1.91 -1.91
C ALA A 205 -1.51 -0.86 -2.39
N ASP A 206 -0.93 -1.07 -3.57
CA ASP A 206 0.06 -0.12 -4.15
C ASP A 206 -0.59 1.26 -4.31
N TYR A 207 -1.77 1.30 -4.93
CA TYR A 207 -2.51 2.56 -5.15
C TYR A 207 -2.85 3.21 -3.80
N ALA A 208 -3.43 2.44 -2.90
CA ALA A 208 -3.85 2.98 -1.58
C ALA A 208 -2.68 3.60 -0.83
N VAL A 209 -1.55 2.90 -0.79
CA VAL A 209 -0.34 3.39 -0.06
C VAL A 209 0.12 4.69 -0.74
N SER A 210 0.14 4.71 -2.07
CA SER A 210 0.53 5.93 -2.82
C SER A 210 -0.39 7.08 -2.44
N LYS A 211 -1.70 6.84 -2.40
CA LYS A 211 -2.70 7.88 -2.08
C LYS A 211 -2.52 8.34 -0.62
N ALA A 212 -2.36 7.40 0.28
CA ALA A 212 -2.11 7.73 1.71
C ALA A 212 -0.80 8.53 1.84
N GLY A 213 0.24 8.16 1.12
CA GLY A 213 1.52 8.89 1.16
C GLY A 213 1.32 10.30 0.65
N GLN A 214 0.46 10.51 -0.35
CA GLN A 214 0.24 11.88 -0.88
C GLN A 214 -0.34 12.78 0.23
N ARG A 215 -1.30 12.26 0.99
CA ARG A 215 -1.94 12.98 2.12
C ARG A 215 -0.89 13.16 3.22
N ALA A 216 -0.15 12.09 3.55
CA ALA A 216 0.78 12.08 4.70
C ALA A 216 1.87 13.14 4.46
N MET A 217 2.27 13.32 3.19
CA MET A 217 3.31 14.29 2.77
C MET A 217 2.79 15.69 3.11
N ALA A 218 1.55 16.01 2.78
CA ALA A 218 0.93 17.30 3.17
C ALA A 218 0.88 17.47 4.69
N GLU A 219 0.47 16.44 5.43
CA GLU A 219 0.28 16.47 6.89
C GLU A 219 1.63 16.80 7.53
N VAL A 220 2.73 16.19 7.08
CA VAL A 220 4.03 16.28 7.82
C VAL A 220 4.85 17.45 7.32
N PHE A 221 4.75 17.85 6.04
CA PHE A 221 5.56 18.96 5.48
C PHE A 221 4.96 20.33 5.81
N ALA A 222 3.67 20.43 6.13
CA ALA A 222 3.02 21.75 6.29
C ALA A 222 3.83 22.60 7.29
N ARG A 223 4.21 22.07 8.44
CA ARG A 223 4.91 22.92 9.44
C ARG A 223 6.25 23.43 8.88
N PHE A 224 6.93 22.62 8.07
CA PHE A 224 8.24 23.01 7.49
C PHE A 224 8.06 24.04 6.39
N LEU A 225 7.05 23.85 5.54
CA LEU A 225 6.86 24.71 4.34
C LEU A 225 6.19 26.04 4.71
N GLY A 226 5.52 26.08 5.86
CA GLY A 226 4.94 27.34 6.34
C GLY A 226 6.04 28.30 6.76
N PRO A 227 5.83 29.63 6.72
CA PRO A 227 4.54 30.23 6.35
C PRO A 227 4.32 30.57 4.88
N GLU A 228 5.36 30.49 4.06
CA GLU A 228 5.26 30.91 2.64
C GLU A 228 4.48 29.92 1.78
N ILE A 229 4.55 28.64 2.09
CA ILE A 229 3.98 27.60 1.20
C ILE A 229 2.86 26.83 1.92
N GLN A 230 1.73 26.68 1.21
CA GLN A 230 0.60 25.82 1.61
C GLN A 230 0.79 24.47 0.94
N ILE A 231 0.53 23.40 1.68
CA ILE A 231 0.50 22.06 1.07
C ILE A 231 -0.75 21.36 1.59
N ASN A 232 -1.60 20.96 0.67
CA ASN A 232 -2.82 20.22 1.02
C ASN A 232 -2.99 19.06 0.06
N ALA A 233 -3.91 18.17 0.39
CA ALA A 233 -4.32 17.10 -0.53
C ALA A 233 -5.78 17.32 -0.84
N ILE A 234 -6.22 16.79 -1.98
CA ILE A 234 -7.67 16.57 -2.23
C ILE A 234 -7.88 15.07 -2.31
N ALA A 235 -9.02 14.61 -1.84
CA ALA A 235 -9.34 13.16 -1.76
C ALA A 235 -10.77 12.97 -2.27
N PRO A 236 -11.01 13.10 -3.58
CA PRO A 236 -12.35 12.90 -4.13
C PRO A 236 -12.69 11.42 -3.94
N GLY A 237 -13.95 11.14 -3.78
CA GLY A 237 -14.48 9.78 -3.93
C GLY A 237 -14.64 9.43 -5.39
N PRO A 238 -15.52 8.45 -5.67
CA PRO A 238 -15.84 8.04 -7.03
C PRO A 238 -16.30 9.24 -7.86
N VAL A 239 -15.81 9.33 -9.09
CA VAL A 239 -16.18 10.40 -10.06
C VAL A 239 -16.57 9.75 -11.37
N GLU A 240 -17.52 10.31 -12.10
CA GLU A 240 -17.89 9.83 -13.47
C GLU A 240 -16.67 9.96 -14.38
N GLY A 241 -16.22 8.86 -14.98
CA GLY A 241 -15.18 8.90 -16.03
C GLY A 241 -15.17 7.63 -16.87
N LEU A 253 -15.77 -4.15 -21.11
CA LEU A 253 -14.72 -3.73 -20.14
C LEU A 253 -15.16 -4.11 -18.71
N PHE A 254 -16.38 -3.71 -18.28
CA PHE A 254 -16.96 -3.97 -16.93
C PHE A 254 -17.32 -5.45 -16.81
N ALA A 255 -17.81 -6.03 -17.91
CA ALA A 255 -17.86 -7.49 -18.16
C ALA A 255 -16.48 -8.09 -17.90
N ARG A 256 -15.42 -7.61 -18.58
CA ARG A 256 -14.04 -8.20 -18.52
C ARG A 256 -13.50 -8.13 -17.09
N ARG A 257 -13.83 -7.07 -16.33
CA ARG A 257 -13.41 -6.90 -14.92
C ARG A 257 -14.17 -7.88 -14.05
N ALA A 258 -15.47 -8.07 -14.29
CA ALA A 258 -16.31 -8.99 -13.50
C ALA A 258 -15.79 -10.43 -13.70
N ARG A 259 -15.35 -10.74 -14.91
CA ARG A 259 -14.81 -12.06 -15.26
C ARG A 259 -13.49 -12.26 -14.49
N LEU A 260 -12.66 -11.22 -14.42
CA LEU A 260 -11.39 -11.31 -13.66
C LEU A 260 -11.71 -11.50 -12.18
N ILE A 261 -12.73 -10.82 -11.65
CA ILE A 261 -13.15 -11.05 -10.24
C ILE A 261 -13.47 -12.54 -10.07
N LEU A 262 -14.20 -13.15 -11.01
CA LEU A 262 -14.62 -14.57 -10.82
C LEU A 262 -13.38 -15.48 -10.95
N GLU A 263 -12.48 -15.20 -11.89
CA GLU A 263 -11.24 -16.00 -12.07
C GLU A 263 -10.38 -15.86 -10.82
N ASN A 264 -10.34 -14.65 -10.24
CA ASN A 264 -9.54 -14.37 -9.01
C ASN A 264 -10.15 -15.16 -7.84
N LYS A 265 -11.47 -15.20 -7.73
CA LYS A 265 -12.15 -15.93 -6.61
C LYS A 265 -11.77 -17.43 -6.73
N ARG A 266 -11.75 -18.00 -7.93
CA ARG A 266 -11.47 -19.45 -8.11
C ARG A 266 -10.03 -19.69 -7.65
N LEU A 267 -9.10 -18.87 -8.13
CA LEU A 267 -7.71 -18.91 -7.64
C LEU A 267 -7.64 -18.89 -6.11
N ASN A 268 -8.27 -17.90 -5.47
CA ASN A 268 -8.18 -17.71 -4.02
C ASN A 268 -8.70 -18.95 -3.31
N GLU A 269 -9.82 -19.51 -3.77
CA GLU A 269 -10.46 -20.67 -3.09
C GLU A 269 -9.55 -21.88 -3.23
N LEU A 270 -9.04 -22.15 -4.42
CA LEU A 270 -8.11 -23.28 -4.62
C LEU A 270 -6.84 -23.05 -3.78
N HIS A 271 -6.24 -21.84 -3.83
CA HIS A 271 -4.97 -21.57 -3.14
C HIS A 271 -5.17 -21.77 -1.64
N ALA A 272 -6.22 -21.21 -1.07
CA ALA A 272 -6.45 -21.30 0.39
C ALA A 272 -6.60 -22.77 0.82
N ALA A 273 -7.36 -23.57 0.07
CA ALA A 273 -7.57 -25.00 0.41
C ALA A 273 -6.28 -25.82 0.32
N LEU A 274 -5.42 -25.54 -0.67
CA LEU A 274 -4.15 -26.28 -0.87
C LEU A 274 -3.22 -25.91 0.27
N ILE A 275 -3.13 -24.62 0.60
CA ILE A 275 -2.27 -24.18 1.73
C ILE A 275 -2.76 -24.85 3.03
N ALA A 276 -4.05 -24.77 3.33
CA ALA A 276 -4.66 -25.36 4.55
C ALA A 276 -4.39 -26.88 4.56
N ALA A 277 -4.69 -27.59 3.47
CA ALA A 277 -4.46 -29.05 3.37
C ALA A 277 -2.99 -29.40 3.66
N ALA A 278 -2.03 -28.69 3.08
CA ALA A 278 -0.57 -28.99 3.16
C ALA A 278 -0.07 -28.92 4.59
N ARG A 279 -0.71 -28.08 5.39
CA ARG A 279 -0.37 -27.81 6.80
C ARG A 279 -0.51 -29.10 7.63
N THR A 280 -1.53 -29.91 7.37
CA THR A 280 -1.92 -31.04 8.26
C THR A 280 -2.02 -32.36 7.50
N ASP A 281 -1.58 -32.43 6.24
CA ASP A 281 -1.59 -33.69 5.48
C ASP A 281 -0.14 -34.15 5.32
N GLU A 282 0.10 -35.43 5.16
CA GLU A 282 1.47 -35.96 5.02
C GLU A 282 1.86 -35.86 3.55
N ARG A 283 0.92 -35.64 2.64
CA ARG A 283 1.26 -35.43 1.22
C ARG A 283 1.99 -34.09 1.10
N SER A 284 2.99 -34.04 0.24
CA SER A 284 3.64 -32.78 -0.19
C SER A 284 2.64 -31.93 -1.01
N MET A 285 2.91 -30.65 -1.11
CA MET A 285 2.10 -29.77 -2.00
C MET A 285 2.09 -30.37 -3.42
N HIS A 286 3.19 -30.98 -3.86
CA HIS A 286 3.25 -31.58 -5.22
C HIS A 286 2.16 -32.65 -5.33
N GLU A 287 2.07 -33.52 -4.33
CA GLU A 287 1.08 -34.62 -4.30
C GLU A 287 -0.34 -34.04 -4.15
N LEU A 288 -0.50 -32.95 -3.39
CA LEU A 288 -1.83 -32.29 -3.25
C LEU A 288 -2.26 -31.74 -4.60
N VAL A 289 -1.37 -31.07 -5.30
CA VAL A 289 -1.68 -30.48 -6.61
C VAL A 289 -2.01 -31.60 -7.60
N GLU A 290 -1.42 -32.79 -7.48
CA GLU A 290 -1.73 -33.94 -8.39
C GLU A 290 -3.23 -34.29 -8.34
N LEU A 291 -3.90 -34.15 -7.19
CA LEU A 291 -5.35 -34.42 -7.04
C LEU A 291 -6.15 -33.50 -7.96
N LEU A 292 -5.60 -32.34 -8.33
CA LEU A 292 -6.31 -31.35 -9.17
C LEU A 292 -6.16 -31.72 -10.66
N LEU A 293 -5.16 -32.51 -11.04
CA LEU A 293 -4.81 -32.69 -12.48
C LEU A 293 -5.91 -33.35 -13.32
N PRO A 294 -6.79 -34.24 -12.81
CA PRO A 294 -7.92 -34.69 -13.64
C PRO A 294 -8.91 -33.55 -13.91
N ASN A 295 -8.79 -32.46 -13.13
CA ASN A 295 -9.57 -31.22 -13.36
C ASN A 295 -11.06 -31.50 -13.29
N ASP A 296 -11.44 -32.34 -12.33
CA ASP A 296 -12.81 -32.85 -12.20
C ASP A 296 -13.32 -32.55 -10.80
N VAL A 297 -14.28 -31.64 -10.68
CA VAL A 297 -14.84 -31.19 -9.37
C VAL A 297 -15.49 -32.39 -8.67
N ALA A 298 -16.42 -33.06 -9.34
CA ALA A 298 -17.18 -34.18 -8.71
C ALA A 298 -16.23 -35.29 -8.26
N ALA A 299 -15.20 -35.61 -9.02
CA ALA A 299 -14.23 -36.65 -8.67
C ALA A 299 -13.42 -36.24 -7.44
N LEU A 300 -13.16 -34.94 -7.25
CA LEU A 300 -12.37 -34.50 -6.09
C LEU A 300 -13.30 -34.56 -4.88
N GLU A 301 -14.53 -34.10 -5.03
CA GLU A 301 -15.51 -34.14 -3.93
C GLU A 301 -15.67 -35.61 -3.46
N GLN A 302 -15.70 -36.53 -4.39
CA GLN A 302 -16.13 -37.92 -4.04
C GLN A 302 -14.94 -38.78 -3.61
N ASN A 303 -13.72 -38.26 -3.64
CA ASN A 303 -12.49 -39.06 -3.40
C ASN A 303 -12.31 -39.21 -1.90
N PRO A 304 -12.54 -40.39 -1.27
CA PRO A 304 -12.52 -40.49 0.19
C PRO A 304 -11.13 -40.21 0.78
N ALA A 305 -10.10 -40.25 -0.04
CA ALA A 305 -8.70 -40.07 0.41
C ALA A 305 -8.22 -38.63 0.19
N ALA A 306 -9.04 -37.76 -0.38
CA ALA A 306 -8.65 -36.36 -0.63
C ALA A 306 -8.79 -35.61 0.68
N PRO A 307 -7.92 -34.63 0.98
CA PRO A 307 -8.09 -33.85 2.19
C PRO A 307 -9.48 -33.19 2.27
N THR A 308 -10.01 -33.13 3.48
CA THR A 308 -11.31 -32.49 3.77
C THR A 308 -11.38 -31.08 3.15
N ALA A 309 -10.35 -30.23 3.26
CA ALA A 309 -10.44 -28.84 2.73
C ALA A 309 -10.71 -28.87 1.21
N LEU A 310 -10.14 -29.84 0.49
CA LEU A 310 -10.34 -29.93 -0.98
C LEU A 310 -11.70 -30.55 -1.31
N ARG A 311 -12.16 -31.51 -0.51
CA ARG A 311 -13.48 -32.14 -0.79
C ARG A 311 -14.55 -31.10 -0.46
N GLU A 312 -14.37 -30.32 0.58
CA GLU A 312 -15.40 -29.30 0.96
C GLU A 312 -15.45 -28.21 -0.09
N LEU A 313 -14.29 -27.86 -0.63
CA LEU A 313 -14.19 -26.84 -1.68
C LEU A 313 -14.92 -27.36 -2.94
N ALA A 314 -14.65 -28.59 -3.37
CA ALA A 314 -15.32 -29.20 -4.55
C ALA A 314 -16.84 -29.13 -4.41
N ARG A 315 -17.35 -29.41 -3.22
CA ARG A 315 -18.79 -29.35 -2.89
C ARG A 315 -19.25 -27.92 -3.09
N ARG A 316 -18.45 -26.93 -2.69
CA ARG A 316 -18.88 -25.52 -2.81
C ARG A 316 -18.93 -25.17 -4.30
N PHE A 317 -17.99 -25.65 -5.09
CA PHE A 317 -17.94 -25.35 -6.53
C PHE A 317 -19.19 -25.92 -7.21
N ARG A 318 -19.63 -27.09 -6.78
CA ARG A 318 -20.88 -27.68 -7.34
C ARG A 318 -22.11 -26.88 -6.88
N SER A 319 -22.22 -26.57 -5.57
CA SER A 319 -23.42 -25.88 -5.02
C SER A 319 -23.59 -24.47 -5.55
N GLU A 320 -22.49 -23.72 -5.54
CA GLU A 320 -22.47 -22.27 -5.83
C GLU A 320 -22.32 -22.07 -7.33
N GLY A 321 -22.05 -23.13 -8.10
CA GLY A 321 -21.78 -23.04 -9.53
C GLY A 321 -23.03 -22.94 -10.38
N ASP A 322 -22.84 -22.41 -11.57
CA ASP A 322 -23.86 -22.42 -12.65
C ASP A 322 -23.65 -23.72 -13.40
N PRO A 323 -24.66 -24.62 -13.47
CA PRO A 323 -24.51 -25.90 -14.16
C PRO A 323 -24.11 -25.75 -15.63
N ALA A 324 -24.35 -24.58 -16.25
CA ALA A 324 -24.01 -24.30 -17.67
C ALA A 324 -22.57 -23.78 -17.81
N ALA A 325 -21.92 -23.45 -16.69
CA ALA A 325 -20.51 -23.03 -16.64
C ALA A 325 -19.59 -24.27 -16.49
N SER A 326 -18.49 -24.33 -17.22
CA SER A 326 -17.51 -25.42 -17.06
C SER A 326 -16.80 -25.31 -15.69
N SER A 327 -16.73 -24.12 -15.06
CA SER A 327 -16.22 -23.91 -13.68
C SER A 327 -16.99 -24.74 -12.64
N SER A 328 -18.21 -25.19 -12.92
CA SER A 328 -18.99 -26.01 -11.97
C SER A 328 -18.55 -27.50 -11.99
N SER A 329 -17.88 -27.96 -13.05
CA SER A 329 -17.47 -29.37 -13.20
C SER A 329 -15.97 -29.48 -13.37
N ALA A 330 -15.28 -28.39 -13.70
CA ALA A 330 -13.82 -28.33 -13.80
C ALA A 330 -13.28 -27.40 -12.71
N LEU A 331 -12.12 -27.76 -12.19
CA LEU A 331 -11.53 -27.05 -11.04
C LEU A 331 -10.90 -25.74 -11.53
N LEU A 332 -10.22 -25.80 -12.67
CA LEU A 332 -9.51 -24.59 -13.13
C LEU A 332 -9.23 -24.63 -14.63
N ASN A 333 -8.65 -23.56 -15.14
CA ASN A 333 -8.23 -23.50 -16.55
C ASN A 333 -6.73 -23.19 -16.54
N ARG A 334 -6.08 -23.12 -17.70
CA ARG A 334 -4.60 -22.96 -17.75
C ARG A 334 -4.18 -21.63 -17.14
N SER A 335 -4.98 -20.59 -17.34
CA SER A 335 -4.66 -19.24 -16.82
C SER A 335 -4.64 -19.26 -15.28
N ILE A 336 -5.73 -19.70 -14.68
CA ILE A 336 -5.79 -19.82 -13.19
C ILE A 336 -4.68 -20.76 -12.73
N ALA A 337 -4.44 -21.88 -13.41
CA ALA A 337 -3.37 -22.85 -13.04
C ALA A 337 -2.02 -22.12 -13.00
N ALA A 338 -1.66 -21.36 -14.05
CA ALA A 338 -0.36 -20.62 -14.08
C ALA A 338 -0.25 -19.67 -12.88
N LYS A 339 -1.31 -18.94 -12.55
CA LYS A 339 -1.26 -17.92 -11.48
C LYS A 339 -1.21 -18.64 -10.13
N LEU A 340 -1.81 -19.82 -10.05
CA LEU A 340 -1.74 -20.65 -8.81
C LEU A 340 -0.33 -21.18 -8.62
N LEU A 341 0.26 -21.73 -9.68
CA LEU A 341 1.63 -22.27 -9.62
C LEU A 341 2.60 -21.15 -9.22
N ALA A 342 2.41 -19.95 -9.72
CA ALA A 342 3.27 -18.79 -9.34
C ALA A 342 3.13 -18.54 -7.83
N ARG A 343 1.90 -18.51 -7.30
CA ARG A 343 1.73 -18.32 -5.83
C ARG A 343 2.54 -19.39 -5.07
N LEU A 344 2.37 -20.65 -5.45
CA LEU A 344 2.98 -21.79 -4.73
C LEU A 344 4.51 -21.68 -4.81
N HIS A 345 5.06 -21.44 -6.01
CA HIS A 345 6.52 -21.25 -6.24
C HIS A 345 7.01 -20.05 -5.44
N ASN A 346 6.24 -18.95 -5.43
CA ASN A 346 6.64 -17.72 -4.68
C ASN A 346 6.60 -17.95 -3.16
N GLY A 347 5.88 -18.99 -2.73
CA GLY A 347 5.78 -19.40 -1.32
C GLY A 347 6.81 -20.46 -0.93
N GLY A 348 7.75 -20.77 -1.83
CA GLY A 348 8.80 -21.76 -1.55
C GLY A 348 8.29 -23.18 -1.67
N TYR A 349 7.11 -23.43 -2.22
CA TYR A 349 6.60 -24.82 -2.36
C TYR A 349 7.33 -25.40 -3.59
N VAL A 350 7.72 -26.67 -3.52
CA VAL A 350 8.50 -27.34 -4.59
C VAL A 350 7.51 -28.09 -5.50
N LEU A 351 7.39 -27.64 -6.75
CA LEU A 351 6.56 -28.30 -7.79
C LEU A 351 7.27 -28.11 -9.11
N PRO A 352 7.23 -29.10 -10.03
CA PRO A 352 7.80 -28.92 -11.35
C PRO A 352 7.04 -27.87 -12.16
N ALA A 353 7.78 -27.12 -12.97
CA ALA A 353 7.24 -25.98 -13.74
C ALA A 353 6.18 -26.52 -14.71
N ASP A 354 6.22 -27.79 -15.09
CA ASP A 354 5.30 -28.30 -16.14
C ASP A 354 4.16 -29.08 -15.50
N ILE A 355 4.01 -29.01 -14.19
CA ILE A 355 2.98 -29.81 -13.46
C ILE A 355 1.63 -29.69 -14.15
N PHE A 356 1.28 -28.52 -14.72
CA PHE A 356 -0.05 -28.32 -15.35
C PHE A 356 -0.01 -28.48 -16.90
N ALA A 357 1.07 -29.00 -17.48
CA ALA A 357 1.26 -29.05 -18.96
C ALA A 357 0.11 -29.82 -19.63
N ASN A 358 -0.41 -30.84 -18.97
CA ASN A 358 -1.47 -31.73 -19.54
C ASN A 358 -2.82 -31.48 -18.88
N LEU A 359 -3.05 -30.33 -18.26
CA LEU A 359 -4.36 -30.06 -17.61
C LEU A 359 -5.46 -30.08 -18.68
N PRO A 360 -6.52 -30.91 -18.56
CA PRO A 360 -7.62 -30.84 -19.52
C PRO A 360 -8.20 -29.42 -19.59
N ASN A 361 -8.48 -28.93 -20.80
CA ASN A 361 -9.00 -27.55 -21.00
C ASN A 361 -10.52 -27.59 -20.89
N PRO A 362 -11.12 -26.87 -19.92
CA PRO A 362 -12.56 -26.94 -19.76
C PRO A 362 -13.22 -26.22 -20.93
N PRO A 363 -14.37 -26.70 -21.46
CA PRO A 363 -14.99 -26.08 -22.62
C PRO A 363 -15.61 -24.74 -22.22
N ASP A 364 -15.52 -23.75 -23.10
CA ASP A 364 -16.21 -22.47 -22.86
C ASP A 364 -17.70 -22.77 -22.78
N PRO A 365 -18.51 -22.05 -21.98
CA PRO A 365 -18.00 -21.02 -21.08
C PRO A 365 -17.54 -21.49 -19.68
N PHE A 366 -16.36 -21.03 -19.23
CA PHE A 366 -15.89 -21.35 -17.85
C PHE A 366 -16.86 -20.65 -16.90
N PHE A 367 -17.09 -19.36 -17.13
CA PHE A 367 -18.15 -18.64 -16.40
C PHE A 367 -19.17 -18.15 -17.45
N THR A 368 -20.46 -18.28 -17.16
CA THR A 368 -21.57 -17.95 -18.10
C THR A 368 -21.76 -16.43 -18.13
N ARG A 369 -22.40 -15.91 -19.17
CA ARG A 369 -22.64 -14.46 -19.28
C ARG A 369 -23.47 -14.09 -18.06
N ALA A 370 -24.36 -14.97 -17.63
CA ALA A 370 -25.23 -14.77 -16.45
C ALA A 370 -24.41 -14.54 -15.17
N GLN A 371 -23.38 -15.34 -14.93
CA GLN A 371 -22.54 -15.17 -13.71
C GLN A 371 -21.73 -13.86 -13.86
N ILE A 372 -21.17 -13.62 -15.04
CA ILE A 372 -20.31 -12.43 -15.34
C ILE A 372 -21.18 -11.19 -15.15
N ASP A 373 -22.39 -11.15 -15.73
CA ASP A 373 -23.31 -9.98 -15.63
C ASP A 373 -23.77 -9.76 -14.20
N ARG A 374 -24.08 -10.81 -13.43
CA ARG A 374 -24.47 -10.70 -12.01
C ARG A 374 -23.29 -10.09 -11.20
N GLU A 375 -22.04 -10.48 -11.46
CA GLU A 375 -20.91 -9.93 -10.66
C GLU A 375 -20.73 -8.46 -11.07
N ALA A 376 -20.92 -8.13 -12.37
CA ALA A 376 -20.77 -6.76 -12.89
C ALA A 376 -21.83 -5.84 -12.26
N ARG A 377 -23.08 -6.29 -12.17
CA ARG A 377 -24.14 -5.53 -11.44
C ARG A 377 -23.74 -5.34 -9.97
N LYS A 378 -23.12 -6.34 -9.33
CA LYS A 378 -22.71 -6.28 -7.92
C LYS A 378 -21.64 -5.19 -7.71
N VAL A 379 -20.62 -5.15 -8.57
CA VAL A 379 -19.57 -4.08 -8.61
C VAL A 379 -20.24 -2.70 -8.75
N ARG A 380 -20.99 -2.50 -9.83
CA ARG A 380 -21.65 -1.21 -10.14
C ARG A 380 -22.52 -0.77 -8.95
N ASP A 381 -23.45 -1.64 -8.52
CA ASP A 381 -24.42 -1.34 -7.44
C ASP A 381 -23.65 -1.02 -6.16
N GLY A 382 -22.56 -1.75 -5.91
CA GLY A 382 -21.62 -1.51 -4.79
C GLY A 382 -21.13 -0.06 -4.81
N ILE A 383 -20.70 0.43 -5.97
CA ILE A 383 -20.15 1.81 -6.07
C ILE A 383 -21.30 2.82 -5.84
N MET A 384 -22.44 2.66 -6.51
CA MET A 384 -23.60 3.60 -6.41
C MET A 384 -24.14 3.61 -4.97
N GLY A 385 -24.23 2.46 -4.28
CA GLY A 385 -24.65 2.39 -2.86
C GLY A 385 -23.67 3.02 -1.88
N MET A 386 -22.47 3.39 -2.30
CA MET A 386 -21.57 4.17 -1.42
C MET A 386 -22.11 5.59 -1.22
N LEU A 387 -22.88 6.14 -2.17
CA LEU A 387 -23.14 7.61 -2.31
C LEU A 387 -24.40 8.03 -1.53
N TYR A 388 -24.24 8.80 -0.46
CA TYR A 388 -25.36 9.42 0.31
C TYR A 388 -26.26 10.24 -0.62
N LEU A 389 -25.67 10.93 -1.60
CA LEU A 389 -26.41 11.85 -2.48
C LEU A 389 -26.93 11.09 -3.70
N GLN A 390 -26.61 9.80 -3.84
CA GLN A 390 -27.19 8.89 -4.87
C GLN A 390 -26.94 9.47 -6.27
N ARG A 391 -25.84 10.19 -6.45
CA ARG A 391 -25.51 10.79 -7.76
C ARG A 391 -23.98 10.85 -7.82
N MET A 392 -23.42 10.39 -8.95
CA MET A 392 -21.98 10.36 -9.27
C MET A 392 -21.55 11.80 -9.58
N PRO A 393 -20.60 12.38 -8.81
CA PRO A 393 -19.96 13.66 -9.13
C PRO A 393 -19.29 13.61 -10.52
N THR A 394 -19.26 14.72 -11.25
CA THR A 394 -18.50 14.86 -12.52
C THR A 394 -17.08 15.37 -12.25
N GLU A 395 -16.18 15.09 -13.19
CA GLU A 395 -14.78 15.59 -13.15
C GLU A 395 -14.85 17.11 -13.09
N PHE A 396 -15.73 17.73 -13.88
CA PHE A 396 -15.96 19.19 -13.93
C PHE A 396 -16.32 19.73 -12.54
N ASP A 397 -17.29 19.11 -11.87
CA ASP A 397 -17.77 19.57 -10.54
C ASP A 397 -16.64 19.46 -9.50
N VAL A 398 -15.87 18.37 -9.52
CA VAL A 398 -14.75 18.19 -8.57
C VAL A 398 -13.68 19.25 -8.81
N ALA A 399 -13.36 19.51 -10.08
CA ALA A 399 -12.31 20.48 -10.46
C ALA A 399 -12.77 21.89 -10.03
N MET A 400 -14.05 22.18 -10.18
CA MET A 400 -14.63 23.50 -9.83
C MET A 400 -14.46 23.71 -8.31
N ALA A 401 -14.82 22.71 -7.52
CA ALA A 401 -14.67 22.79 -6.05
C ALA A 401 -13.21 22.94 -5.67
N THR A 402 -12.32 22.25 -6.41
CA THR A 402 -10.88 22.29 -6.17
C THR A 402 -10.38 23.73 -6.47
N VAL A 403 -10.76 24.32 -7.58
CA VAL A 403 -10.24 25.66 -7.98
C VAL A 403 -10.76 26.73 -6.99
N TYR A 404 -11.96 26.61 -6.49
CA TYR A 404 -12.45 27.50 -5.39
C TYR A 404 -11.58 27.29 -4.14
N TYR A 405 -11.29 26.03 -3.83
CA TYR A 405 -10.50 25.68 -2.62
C TYR A 405 -9.12 26.33 -2.69
N LEU A 406 -8.49 26.32 -3.86
CA LEU A 406 -7.14 26.88 -4.02
C LEU A 406 -7.04 28.35 -3.63
N ALA A 407 -8.16 29.09 -3.63
CA ALA A 407 -8.19 30.53 -3.25
C ALA A 407 -8.02 30.68 -1.75
N ASP A 408 -8.21 29.63 -0.95
CA ASP A 408 -8.14 29.75 0.53
C ASP A 408 -6.67 29.78 0.96
N ARG A 409 -6.24 30.90 1.59
CA ARG A 409 -4.85 31.11 2.06
C ARG A 409 -4.64 30.70 3.51
N ASN A 410 -5.60 30.06 4.17
CA ASN A 410 -5.48 29.77 5.62
C ASN A 410 -5.51 28.27 5.94
N VAL A 411 -5.18 27.40 4.98
CA VAL A 411 -5.22 25.95 5.16
C VAL A 411 -3.88 25.41 4.70
N SER A 412 -3.31 24.57 5.52
CA SER A 412 -2.13 23.74 5.14
C SER A 412 -2.18 22.46 5.96
N GLY A 413 -1.64 21.38 5.43
CA GLY A 413 -1.68 20.10 6.13
C GLY A 413 -3.00 19.38 6.07
N GLU A 414 -3.98 19.86 5.28
CA GLU A 414 -5.36 19.35 5.31
C GLU A 414 -5.62 18.48 4.10
N THR A 415 -6.63 17.63 4.20
CA THR A 415 -7.18 16.89 3.05
C THR A 415 -8.61 17.39 2.84
N PHE A 416 -8.85 18.09 1.76
CA PHE A 416 -10.18 18.55 1.31
C PHE A 416 -10.84 17.44 0.48
N HIS A 417 -12.06 17.12 0.84
CA HIS A 417 -12.99 16.23 0.11
C HIS A 417 -13.91 17.05 -0.79
N PRO A 418 -13.57 17.25 -2.08
CA PRO A 418 -14.40 18.03 -2.99
C PRO A 418 -15.69 17.32 -3.37
N SER A 419 -15.64 16.00 -3.28
CA SER A 419 -16.82 15.12 -3.23
C SER A 419 -16.63 14.17 -2.05
N GLY A 420 -17.75 13.69 -1.55
CA GLY A 420 -17.74 12.82 -0.36
C GLY A 420 -19.18 12.44 -0.04
N GLY A 421 -19.47 12.17 1.23
CA GLY A 421 -20.71 11.48 1.62
C GLY A 421 -20.71 10.04 1.12
N LEU A 422 -19.81 9.23 1.72
CA LEU A 422 -19.54 7.84 1.29
C LEU A 422 -19.77 6.86 2.44
N ARG A 423 -20.51 5.80 2.14
CA ARG A 423 -20.67 4.61 2.98
C ARG A 423 -19.54 3.66 2.60
N TYR A 424 -18.61 3.43 3.50
CA TYR A 424 -17.47 2.53 3.23
C TYR A 424 -16.78 2.20 4.55
N GLU A 425 -16.11 1.06 4.59
CA GLU A 425 -15.41 0.55 5.79
C GLU A 425 -14.21 1.46 6.10
N ARG A 426 -13.93 1.66 7.38
CA ARG A 426 -12.72 2.41 7.78
C ARG A 426 -12.12 1.64 8.95
N THR A 427 -10.81 1.72 9.10
CA THR A 427 -10.08 1.05 10.20
C THR A 427 -9.38 2.15 11.01
N PRO A 428 -9.93 2.57 12.17
CA PRO A 428 -9.28 3.57 13.01
C PRO A 428 -7.90 3.05 13.40
N THR A 429 -6.91 3.95 13.46
CA THR A 429 -5.50 3.62 13.78
C THR A 429 -5.15 4.34 15.09
N GLY A 430 -4.05 3.99 15.75
CA GLY A 430 -3.46 4.87 16.80
C GLY A 430 -3.99 4.63 18.21
N GLY A 431 -4.67 3.51 18.44
CA GLY A 431 -4.99 3.05 19.80
C GLY A 431 -3.72 2.77 20.56
N GLU A 432 -3.65 3.19 21.82
CA GLU A 432 -2.47 3.04 22.72
C GLU A 432 -2.83 2.19 23.93
N LEU A 433 -4.11 1.91 24.19
CA LEU A 433 -4.50 1.21 25.45
C LEU A 433 -4.85 -0.25 25.08
N PHE A 434 -3.94 -1.17 25.40
CA PHE A 434 -4.02 -2.63 25.12
C PHE A 434 -3.29 -3.30 26.31
N GLY A 435 -3.56 -4.56 26.59
CA GLY A 435 -2.70 -5.38 27.46
C GLY A 435 -2.22 -6.59 26.70
N LEU A 436 -2.01 -7.72 27.37
CA LEU A 436 -1.48 -8.97 26.78
C LEU A 436 -2.61 -9.70 26.07
N PRO A 437 -2.30 -10.60 25.11
CA PRO A 437 -3.29 -11.51 24.56
C PRO A 437 -3.62 -12.52 25.64
N SER A 438 -4.67 -13.29 25.36
CA SER A 438 -5.24 -14.34 26.23
C SER A 438 -4.24 -15.48 26.41
N PRO A 439 -4.26 -16.16 27.57
CA PRO A 439 -3.41 -17.31 27.81
C PRO A 439 -3.61 -18.38 26.73
N GLU A 440 -4.84 -18.49 26.20
CA GLU A 440 -5.20 -19.46 25.13
C GLU A 440 -4.37 -19.12 23.87
N ARG A 441 -4.33 -17.85 23.46
CA ARG A 441 -3.54 -17.43 22.28
C ARG A 441 -2.05 -17.65 22.63
N LEU A 442 -1.59 -17.33 23.83
CA LEU A 442 -0.14 -17.45 24.17
C LEU A 442 0.27 -18.93 24.17
N ALA A 443 -0.62 -19.82 24.61
CA ALA A 443 -0.35 -21.27 24.58
C ALA A 443 -0.02 -21.66 23.14
N GLU A 444 -0.60 -21.01 22.13
CA GLU A 444 -0.40 -21.40 20.71
C GLU A 444 1.03 -21.08 20.24
N LEU A 445 1.81 -20.31 20.99
CA LEU A 445 3.24 -20.01 20.65
C LEU A 445 4.15 -21.20 21.02
N VAL A 446 3.74 -22.07 21.94
CA VAL A 446 4.63 -23.16 22.43
C VAL A 446 5.02 -24.03 21.21
N GLY A 447 6.30 -24.34 21.05
CA GLY A 447 6.82 -25.21 19.97
C GLY A 447 6.93 -24.48 18.63
N SER A 448 6.70 -23.17 18.62
CA SER A 448 6.56 -22.40 17.36
C SER A 448 7.94 -22.07 16.77
N THR A 449 7.97 -21.86 15.47
CA THR A 449 9.10 -21.27 14.73
C THR A 449 8.83 -19.77 14.52
N VAL A 450 9.64 -18.90 15.10
CA VAL A 450 9.47 -17.44 15.03
C VAL A 450 10.52 -16.87 14.04
N TYR A 451 10.10 -15.98 13.15
CA TYR A 451 11.06 -15.23 12.31
C TYR A 451 11.08 -13.78 12.79
N LEU A 452 12.23 -13.23 13.16
CA LEU A 452 12.40 -11.80 13.49
C LEU A 452 13.25 -11.17 12.39
N ILE A 453 12.78 -10.09 11.79
CA ILE A 453 13.51 -9.35 10.73
C ILE A 453 13.89 -7.98 11.25
N GLY A 454 15.17 -7.62 11.09
CA GLY A 454 15.61 -6.28 11.49
C GLY A 454 17.12 -6.12 11.47
N GLU A 455 17.60 -4.97 11.95
CA GLU A 455 19.05 -4.74 12.06
C GLU A 455 19.33 -3.60 13.04
N HIS A 456 18.75 -2.43 12.78
CA HIS A 456 19.03 -1.23 13.60
C HIS A 456 18.45 -1.37 15.01
N LEU A 457 17.31 -2.02 15.14
CA LEU A 457 16.63 -2.02 16.48
C LEU A 457 17.11 -3.24 17.27
N THR A 458 18.42 -3.30 17.58
CA THR A 458 19.06 -4.50 18.18
C THR A 458 18.44 -4.82 19.56
N GLU A 459 18.08 -3.79 20.35
CA GLU A 459 17.53 -4.01 21.73
C GLU A 459 16.14 -4.65 21.64
N HIS A 460 15.32 -4.15 20.73
CA HIS A 460 13.97 -4.67 20.46
C HIS A 460 14.10 -6.13 20.04
N LEU A 461 15.00 -6.41 19.10
CA LEU A 461 15.16 -7.76 18.53
C LEU A 461 15.63 -8.74 19.62
N ASN A 462 16.59 -8.33 20.42
CA ASN A 462 17.06 -9.16 21.56
C ASN A 462 15.88 -9.43 22.50
N LEU A 463 15.15 -8.40 22.90
CA LEU A 463 14.06 -8.58 23.90
C LEU A 463 12.99 -9.48 23.31
N LEU A 464 12.68 -9.32 22.03
CA LEU A 464 11.69 -10.20 21.39
C LEU A 464 12.15 -11.66 21.34
N ALA A 465 13.35 -11.92 20.85
CA ALA A 465 13.89 -13.31 20.77
C ALA A 465 13.77 -13.96 22.15
N ARG A 466 14.17 -13.23 23.19
CA ARG A 466 14.22 -13.77 24.57
C ARG A 466 12.80 -13.96 25.10
N ALA A 467 11.86 -13.07 24.80
CA ALA A 467 10.45 -13.26 25.21
C ALA A 467 9.92 -14.55 24.59
N TYR A 468 10.07 -14.74 23.29
CA TYR A 468 9.45 -15.90 22.60
C TYR A 468 10.12 -17.18 23.11
N LEU A 469 11.43 -17.12 23.34
CA LEU A 469 12.16 -18.37 23.69
C LEU A 469 12.04 -18.67 25.19
N GLU A 470 12.25 -17.69 26.04
CA GLU A 470 12.41 -17.85 27.52
C GLU A 470 11.04 -17.84 28.22
N ARG A 471 10.10 -17.02 27.75
CA ARG A 471 8.75 -16.89 28.39
C ARG A 471 7.75 -17.80 27.68
N TYR A 472 7.71 -17.91 26.35
CA TYR A 472 6.51 -18.45 25.69
C TYR A 472 6.82 -19.76 24.98
N GLY A 473 7.97 -20.33 25.26
CA GLY A 473 8.35 -21.68 24.83
C GLY A 473 8.35 -21.89 23.31
N ALA A 474 8.72 -20.86 22.54
CA ALA A 474 9.00 -21.06 21.09
C ALA A 474 10.09 -22.13 20.94
N ARG A 475 10.02 -22.96 19.91
CA ARG A 475 11.08 -23.93 19.64
C ARG A 475 12.37 -23.23 19.17
N GLN A 476 12.29 -22.33 18.18
CA GLN A 476 13.48 -21.62 17.65
C GLN A 476 13.06 -20.24 17.12
N VAL A 477 14.02 -19.34 17.11
CA VAL A 477 13.91 -18.02 16.46
C VAL A 477 14.95 -17.96 15.32
N VAL A 478 14.48 -17.68 14.11
CA VAL A 478 15.35 -17.27 12.97
C VAL A 478 15.42 -15.74 12.91
N MET A 479 16.62 -15.23 13.15
CA MET A 479 16.94 -13.80 13.14
C MET A 479 17.46 -13.45 11.74
N ILE A 480 16.68 -12.68 11.00
CA ILE A 480 16.99 -12.35 9.57
C ILE A 480 17.41 -10.88 9.56
N VAL A 481 18.71 -10.63 9.37
CA VAL A 481 19.24 -9.24 9.45
C VAL A 481 19.68 -8.77 8.06
N GLU A 482 20.17 -7.55 7.93
CA GLU A 482 20.54 -7.07 6.58
C GLU A 482 22.01 -7.42 6.28
N THR A 483 22.91 -7.26 7.25
CA THR A 483 24.39 -7.30 7.02
C THR A 483 25.08 -8.29 7.95
N GLU A 484 26.28 -8.72 7.58
CA GLU A 484 27.10 -9.53 8.49
C GLU A 484 27.33 -8.80 9.82
N THR A 485 27.54 -7.49 9.82
CA THR A 485 27.77 -6.74 11.06
C THR A 485 26.53 -6.85 11.97
N GLY A 486 25.32 -6.71 11.40
CA GLY A 486 24.08 -6.92 12.15
C GLY A 486 24.00 -8.34 12.70
N ALA A 487 24.33 -9.36 11.88
CA ALA A 487 24.28 -10.77 12.29
C ALA A 487 25.18 -10.95 13.50
N GLU A 488 26.41 -10.42 13.44
CA GLU A 488 27.39 -10.58 14.54
C GLU A 488 26.90 -9.83 15.79
N THR A 489 26.34 -8.64 15.66
CA THR A 489 25.77 -7.91 16.82
C THR A 489 24.71 -8.80 17.48
N MET A 490 23.83 -9.42 16.71
CA MET A 490 22.72 -10.18 17.30
C MET A 490 23.24 -11.47 17.90
N ARG A 491 24.17 -12.17 17.21
CA ARG A 491 24.77 -13.42 17.72
C ARG A 491 25.44 -13.16 19.08
N ARG A 492 26.13 -12.03 19.27
CA ARG A 492 26.77 -11.69 20.55
C ARG A 492 25.68 -11.36 21.59
N LEU A 493 24.62 -10.65 21.21
CA LEU A 493 23.55 -10.32 22.19
C LEU A 493 22.83 -11.59 22.62
N LEU A 494 22.69 -12.58 21.74
CA LEU A 494 21.91 -13.80 21.99
C LEU A 494 22.83 -15.04 22.06
N HIS A 495 24.08 -14.89 22.49
CA HIS A 495 25.13 -15.96 22.55
C HIS A 495 24.58 -17.24 23.18
N ASP A 496 23.89 -17.11 24.31
CA ASP A 496 23.35 -18.30 25.02
C ASP A 496 22.42 -19.06 24.08
N HIS A 497 21.49 -18.39 23.41
CA HIS A 497 20.48 -19.12 22.59
C HIS A 497 21.18 -19.60 21.33
N VAL A 498 22.19 -18.87 20.87
CA VAL A 498 22.95 -19.31 19.67
C VAL A 498 23.65 -20.65 20.00
N GLU A 499 24.39 -20.69 21.10
CA GLU A 499 25.18 -21.88 21.54
C GLU A 499 24.21 -23.05 21.73
N ALA A 500 22.99 -22.77 22.22
CA ALA A 500 21.97 -23.82 22.47
C ALA A 500 21.21 -24.19 21.21
N GLY A 501 21.50 -23.60 20.04
CA GLY A 501 20.77 -24.04 18.83
C GLY A 501 19.36 -23.45 18.75
N ARG A 502 19.01 -22.45 19.58
CA ARG A 502 17.62 -21.89 19.55
C ARG A 502 17.53 -20.62 18.68
N LEU A 503 18.66 -19.98 18.40
CA LEU A 503 18.68 -18.71 17.63
C LEU A 503 19.55 -18.91 16.38
N MET A 504 18.93 -18.92 15.21
CA MET A 504 19.67 -19.05 13.93
C MET A 504 19.70 -17.67 13.26
N THR A 505 20.83 -17.35 12.62
CA THR A 505 20.98 -16.01 11.99
C THR A 505 21.17 -16.15 10.48
N ILE A 506 20.43 -15.37 9.72
CA ILE A 506 20.53 -15.30 8.25
C ILE A 506 20.79 -13.84 7.84
N VAL A 507 21.66 -13.64 6.85
CA VAL A 507 21.99 -12.29 6.35
C VAL A 507 21.26 -12.13 5.02
N ALA A 508 20.32 -11.20 4.94
CA ALA A 508 19.42 -11.03 3.76
C ALA A 508 19.95 -10.02 2.72
N GLY A 509 20.72 -9.02 3.13
CA GLY A 509 21.05 -7.89 2.25
C GLY A 509 19.79 -7.32 1.61
N ASP A 510 19.80 -7.18 0.27
CA ASP A 510 18.60 -6.63 -0.43
C ASP A 510 17.78 -7.81 -1.04
N GLN A 511 18.00 -9.03 -0.57
CA GLN A 511 17.31 -10.24 -1.08
C GLN A 511 16.53 -10.92 0.05
N ILE A 512 15.59 -10.18 0.64
CA ILE A 512 14.76 -10.70 1.78
C ILE A 512 13.97 -11.95 1.36
N GLU A 513 13.45 -12.04 0.14
CA GLU A 513 12.65 -13.22 -0.28
C GLU A 513 13.53 -14.48 -0.34
N ALA A 514 14.74 -14.40 -0.91
CA ALA A 514 15.69 -15.54 -0.92
C ALA A 514 16.09 -15.89 0.52
N ALA A 515 16.23 -14.92 1.43
CA ALA A 515 16.61 -15.17 2.81
C ALA A 515 15.50 -15.96 3.49
N ILE A 516 14.26 -15.55 3.26
CA ILE A 516 13.07 -16.26 3.83
C ILE A 516 13.04 -17.68 3.23
N ASP A 517 13.39 -17.86 1.96
CA ASP A 517 13.41 -19.22 1.35
C ASP A 517 14.47 -20.08 2.05
N GLN A 518 15.60 -19.50 2.40
CA GLN A 518 16.67 -20.23 3.13
C GLN A 518 16.11 -20.66 4.50
N ALA A 519 15.39 -19.77 5.19
CA ALA A 519 14.79 -20.07 6.50
C ALA A 519 13.74 -21.20 6.36
N ILE A 520 12.87 -21.14 5.36
CA ILE A 520 11.85 -22.20 5.15
C ILE A 520 12.52 -23.55 4.99
N THR A 521 13.46 -23.63 4.03
CA THR A 521 14.19 -24.87 3.69
C THR A 521 14.91 -25.40 4.93
N ARG A 522 15.63 -24.57 5.67
CA ARG A 522 16.56 -25.08 6.70
C ARG A 522 15.88 -25.23 8.06
N TYR A 523 14.93 -24.36 8.37
CA TYR A 523 14.40 -24.26 9.76
C TYR A 523 12.87 -24.49 9.83
N GLY A 524 12.17 -24.47 8.70
CA GLY A 524 10.73 -24.74 8.55
C GLY A 524 9.94 -23.44 8.43
N ARG A 525 8.72 -23.57 7.94
CA ARG A 525 7.88 -22.38 7.69
C ARG A 525 7.63 -21.62 8.99
N PRO A 526 7.48 -20.30 8.90
CA PRO A 526 7.25 -19.50 10.08
C PRO A 526 5.85 -19.55 10.65
N GLY A 527 5.75 -19.46 11.97
CA GLY A 527 4.44 -19.25 12.58
C GLY A 527 4.32 -17.76 12.77
N PRO A 528 4.74 -17.21 13.92
CA PRO A 528 4.75 -15.78 14.12
C PRO A 528 5.93 -15.11 13.40
N VAL A 529 5.71 -13.92 12.86
CA VAL A 529 6.81 -13.15 12.20
C VAL A 529 6.75 -11.69 12.62
N VAL A 530 7.88 -11.13 13.02
CA VAL A 530 7.95 -9.69 13.35
C VAL A 530 8.89 -9.02 12.34
N CYS A 531 8.41 -8.00 11.64
CA CYS A 531 9.17 -7.28 10.60
C CYS A 531 9.49 -5.87 11.05
N THR A 532 10.73 -5.62 11.46
CA THR A 532 11.23 -4.27 11.78
C THR A 532 12.05 -3.79 10.59
N PRO A 533 12.20 -2.46 10.44
CA PRO A 533 13.00 -1.87 9.37
C PRO A 533 14.48 -2.11 9.63
N PHE A 534 15.22 -2.44 8.56
CA PHE A 534 16.69 -2.57 8.64
C PHE A 534 17.30 -1.23 9.03
N ARG A 535 16.81 -0.13 8.45
CA ARG A 535 17.52 1.18 8.49
C ARG A 535 16.85 2.13 9.47
N PRO A 536 17.64 3.05 10.07
CA PRO A 536 17.09 4.18 10.82
C PRO A 536 16.61 5.23 9.82
N LEU A 537 15.91 6.24 10.32
CA LEU A 537 15.47 7.40 9.52
C LEU A 537 16.63 8.38 9.32
N PRO A 538 16.71 9.06 8.17
CA PRO A 538 17.78 10.02 7.97
C PRO A 538 17.58 11.27 8.81
N THR A 539 18.66 12.08 8.97
CA THR A 539 18.62 13.32 9.78
C THR A 539 18.90 14.56 8.91
N VAL A 540 18.61 14.56 7.63
CA VAL A 540 18.87 15.77 6.83
C VAL A 540 17.68 16.74 6.95
N PRO A 541 17.86 18.00 6.54
CA PRO A 541 16.79 19.00 6.61
C PRO A 541 15.71 18.57 5.61
N LEU A 542 14.49 18.99 5.83
CA LEU A 542 13.33 18.72 4.94
C LEU A 542 12.97 19.97 4.13
N VAL A 543 13.51 21.12 4.51
CA VAL A 543 13.35 22.38 3.75
C VAL A 543 14.65 23.14 3.88
N GLY A 544 14.87 24.08 2.97
CA GLY A 544 16.10 24.88 2.97
C GLY A 544 15.79 26.27 3.44
N ARG A 545 16.82 26.99 3.85
CA ARG A 545 16.77 28.46 4.11
C ARG A 545 16.35 29.17 2.82
N LYS A 546 15.60 30.27 2.97
CA LYS A 546 14.99 31.06 1.88
C LYS A 546 16.02 31.43 0.82
N ASP A 547 17.21 31.88 1.25
CA ASP A 547 18.22 32.42 0.31
C ASP A 547 19.28 31.37 -0.01
N SER A 548 19.01 30.07 0.19
CA SER A 548 20.01 29.00 -0.02
C SER A 548 19.68 28.25 -1.30
N ASP A 549 20.61 27.39 -1.74
CA ASP A 549 20.37 26.48 -2.90
C ASP A 549 19.71 25.17 -2.44
N TRP A 550 19.49 24.95 -1.13
CA TRP A 550 18.85 23.73 -0.55
C TRP A 550 19.75 22.50 -0.76
N SER A 551 21.09 22.67 -0.85
CA SER A 551 21.97 21.59 -1.34
C SER A 551 21.88 20.39 -0.39
N THR A 552 21.70 20.60 0.91
CA THR A 552 21.70 19.51 1.93
C THR A 552 20.29 18.97 2.16
N VAL A 553 19.25 19.56 1.55
CA VAL A 553 17.84 19.15 1.84
C VAL A 553 17.53 17.77 1.25
N LEU A 554 16.71 16.99 1.96
CA LEU A 554 16.34 15.63 1.51
C LEU A 554 16.18 15.58 -0.01
N SER A 555 17.00 14.77 -0.64
CA SER A 555 17.02 14.67 -2.12
C SER A 555 15.88 13.83 -2.65
N GLU A 556 15.57 14.00 -3.93
CA GLU A 556 14.61 13.11 -4.61
C GLU A 556 15.07 11.66 -4.45
N ALA A 557 16.36 11.35 -4.60
CA ALA A 557 16.86 9.95 -4.48
C ALA A 557 16.72 9.47 -3.01
N GLU A 558 17.00 10.34 -2.05
CA GLU A 558 16.88 10.01 -0.60
C GLU A 558 15.42 9.72 -0.25
N PHE A 559 14.48 10.50 -0.77
CA PHE A 559 13.04 10.25 -0.55
C PHE A 559 12.67 8.88 -1.13
N ALA A 560 13.17 8.55 -2.32
CA ALA A 560 12.93 7.19 -2.88
C ALA A 560 13.49 6.12 -1.94
N GLU A 561 14.69 6.33 -1.43
CA GLU A 561 15.36 5.37 -0.56
C GLU A 561 14.53 5.24 0.73
N LEU A 562 14.04 6.35 1.26
CA LEU A 562 13.12 6.30 2.44
C LEU A 562 11.97 5.34 2.13
N CYS A 563 11.33 5.48 0.97
CA CYS A 563 10.17 4.62 0.61
C CYS A 563 10.62 3.16 0.54
N GLU A 564 11.80 2.91 -0.04
CA GLU A 564 12.34 1.55 -0.23
C GLU A 564 12.55 0.91 1.14
N HIS A 565 13.19 1.61 2.07
CA HIS A 565 13.57 1.05 3.37
C HIS A 565 12.40 0.98 4.37
N GLN A 566 11.41 1.87 4.25
CA GLN A 566 10.39 2.03 5.30
C GLN A 566 8.99 1.63 4.80
N LEU A 567 8.77 1.45 3.48
CA LEU A 567 7.48 0.95 2.95
C LEU A 567 7.69 -0.36 2.17
N THR A 568 8.47 -0.32 1.09
CA THR A 568 8.70 -1.50 0.23
C THR A 568 9.21 -2.69 1.04
N HIS A 569 10.08 -2.44 2.03
CA HIS A 569 10.62 -3.49 2.91
C HIS A 569 9.46 -4.33 3.49
N HIS A 570 8.47 -3.67 4.09
CA HIS A 570 7.33 -4.35 4.77
C HIS A 570 6.44 -5.02 3.73
N PHE A 571 6.25 -4.38 2.58
CA PHE A 571 5.44 -4.95 1.48
C PHE A 571 6.08 -6.29 1.05
N ARG A 572 7.39 -6.26 0.88
CA ARG A 572 8.12 -7.47 0.35
C ARG A 572 7.96 -8.60 1.35
N VAL A 573 8.18 -8.31 2.63
CA VAL A 573 8.03 -9.29 3.73
C VAL A 573 6.57 -9.76 3.79
N ALA A 574 5.59 -8.85 3.79
CA ALA A 574 4.17 -9.26 3.88
C ALA A 574 3.81 -10.19 2.75
N ARG A 575 4.20 -9.84 1.53
CA ARG A 575 3.91 -10.61 0.33
C ARG A 575 4.50 -12.03 0.53
N LYS A 576 5.77 -12.09 0.88
CA LYS A 576 6.51 -13.40 0.93
C LYS A 576 5.97 -14.21 2.09
N ILE A 577 5.72 -13.59 3.23
CA ILE A 577 5.28 -14.34 4.44
C ILE A 577 3.86 -14.90 4.17
N ALA A 578 2.95 -14.12 3.58
CA ALA A 578 1.58 -14.57 3.29
C ALA A 578 1.64 -15.76 2.29
N LEU A 579 2.46 -15.65 1.26
CA LEU A 579 2.63 -16.72 0.26
C LEU A 579 3.24 -17.96 0.92
N SER A 580 4.03 -17.80 1.97
CA SER A 580 4.80 -18.89 2.63
C SER A 580 4.02 -19.47 3.83
N ASP A 581 2.77 -19.04 4.05
CA ASP A 581 1.83 -19.60 5.06
C ASP A 581 2.26 -19.25 6.49
N GLY A 582 2.86 -18.10 6.70
CA GLY A 582 3.11 -17.60 8.07
C GLY A 582 1.77 -17.43 8.79
N ALA A 583 1.76 -17.64 10.11
CA ALA A 583 0.54 -17.64 10.97
C ALA A 583 0.22 -16.19 11.27
N SER A 584 1.24 -15.34 11.48
CA SER A 584 0.99 -13.94 11.85
C SER A 584 2.20 -13.08 11.49
N LEU A 585 1.94 -11.78 11.34
CA LEU A 585 2.99 -10.82 10.91
C LEU A 585 2.69 -9.50 11.57
N ALA A 586 3.64 -9.04 12.34
CA ALA A 586 3.65 -7.67 12.88
C ALA A 586 4.59 -6.82 12.02
N LEU A 587 4.07 -5.77 11.42
CA LEU A 587 4.84 -4.71 10.74
C LEU A 587 5.13 -3.61 11.75
N VAL A 588 6.41 -3.34 11.97
CA VAL A 588 6.89 -2.37 12.98
C VAL A 588 7.51 -1.16 12.28
N THR A 589 7.01 0.03 12.62
CA THR A 589 7.50 1.30 12.10
C THR A 589 8.77 1.70 12.83
N PRO A 590 9.49 2.69 12.27
CA PRO A 590 10.69 3.19 12.92
C PRO A 590 10.41 3.74 14.32
N GLU A 591 11.43 3.79 15.16
CA GLU A 591 11.34 4.28 16.55
C GLU A 591 11.63 5.79 16.60
N THR A 592 10.73 6.56 17.18
CA THR A 592 10.99 7.95 17.64
C THR A 592 11.23 7.89 19.15
N THR A 593 12.10 8.76 19.66
CA THR A 593 12.43 8.88 21.10
C THR A 593 12.35 10.36 21.48
N ALA A 594 12.50 10.68 22.77
CA ALA A 594 12.50 12.08 23.27
C ALA A 594 13.67 12.87 22.64
N THR A 595 14.66 12.21 22.07
CA THR A 595 15.83 12.87 21.43
C THR A 595 15.85 12.77 19.90
N SER A 596 14.82 12.21 19.26
CA SER A 596 14.73 12.17 17.79
C SER A 596 14.76 13.60 17.26
N THR A 597 15.32 13.85 16.07
CA THR A 597 15.27 15.22 15.50
C THR A 597 13.83 15.52 15.05
N THR A 598 13.46 16.79 14.95
CA THR A 598 12.11 17.16 14.47
C THR A 598 11.89 16.56 13.07
N GLU A 599 12.96 16.48 12.28
CA GLU A 599 12.86 15.92 10.92
C GLU A 599 12.58 14.40 11.02
N GLN A 600 13.20 13.71 11.97
CA GLN A 600 12.91 12.26 12.15
C GLN A 600 11.46 12.06 12.58
N PHE A 601 10.93 12.91 13.46
CA PHE A 601 9.49 12.85 13.83
C PHE A 601 8.62 13.01 12.60
N ALA A 602 8.95 13.95 11.71
CA ALA A 602 8.12 14.19 10.51
C ALA A 602 8.16 12.95 9.62
N LEU A 603 9.35 12.46 9.31
CA LEU A 603 9.48 11.28 8.41
C LEU A 603 8.84 10.03 9.06
N ALA A 604 9.00 9.85 10.37
CA ALA A 604 8.42 8.72 11.10
C ALA A 604 6.90 8.71 10.94
N ASN A 605 6.29 9.87 11.11
CA ASN A 605 4.83 10.01 11.05
C ASN A 605 4.37 9.82 9.60
N PHE A 606 5.12 10.34 8.63
CA PHE A 606 4.87 10.06 7.19
C PHE A 606 4.74 8.56 6.97
N ILE A 607 5.71 7.79 7.46
CA ILE A 607 5.79 6.32 7.25
C ILE A 607 4.64 5.66 8.02
N LYS A 608 4.40 6.09 9.26
CA LYS A 608 3.37 5.46 10.13
C LYS A 608 1.98 5.57 9.47
N THR A 609 1.66 6.75 8.97
CA THR A 609 0.35 7.03 8.31
C THR A 609 0.28 6.22 7.03
N THR A 610 1.35 6.25 6.25
CA THR A 610 1.34 5.62 4.91
C THR A 610 1.23 4.12 5.11
N LEU A 611 2.03 3.52 6.01
CA LEU A 611 2.01 2.05 6.23
C LEU A 611 0.62 1.60 6.74
N HIS A 612 -0.09 2.45 7.49
CA HIS A 612 -1.45 2.09 7.97
C HIS A 612 -2.36 1.71 6.80
N ALA A 613 -2.21 2.38 5.65
CA ALA A 613 -3.01 2.07 4.45
C ALA A 613 -2.70 0.65 3.97
N PHE A 614 -1.44 0.29 4.05
CA PHE A 614 -0.93 -1.03 3.59
C PHE A 614 -1.51 -2.08 4.53
N THR A 615 -1.31 -1.88 5.82
CA THR A 615 -1.73 -2.86 6.84
C THR A 615 -3.25 -3.10 6.75
N ALA A 616 -4.04 -2.03 6.70
CA ALA A 616 -5.51 -2.13 6.61
C ALA A 616 -5.93 -2.86 5.33
N THR A 617 -5.34 -2.52 4.19
CA THR A 617 -5.67 -3.15 2.91
C THR A 617 -5.32 -4.62 2.96
N ILE A 618 -4.09 -4.97 3.31
CA ILE A 618 -3.69 -6.41 3.23
C ILE A 618 -4.43 -7.22 4.31
N GLY A 619 -4.78 -6.60 5.45
CA GLY A 619 -5.57 -7.30 6.47
C GLY A 619 -6.93 -7.73 5.92
N VAL A 620 -7.64 -6.83 5.27
CA VAL A 620 -8.98 -7.14 4.70
C VAL A 620 -8.85 -8.07 3.50
N GLU A 621 -7.85 -7.87 2.64
CA GLU A 621 -7.62 -8.78 1.50
C GLU A 621 -7.49 -10.21 2.03
N SER A 622 -6.68 -10.37 3.06
CA SER A 622 -6.41 -11.71 3.65
C SER A 622 -7.69 -12.26 4.28
N GLU A 623 -8.39 -11.45 5.06
CA GLU A 623 -9.65 -11.85 5.72
C GLU A 623 -10.62 -12.37 4.64
N ARG A 624 -10.87 -11.60 3.59
CA ARG A 624 -11.94 -11.87 2.59
C ARG A 624 -11.57 -13.02 1.66
N THR A 625 -10.34 -13.50 1.64
CA THR A 625 -9.94 -14.61 0.75
C THR A 625 -9.64 -15.86 1.58
N ALA A 626 -10.04 -15.85 2.84
CA ALA A 626 -9.96 -17.00 3.78
C ALA A 626 -8.48 -17.38 4.00
N GLN A 627 -7.56 -16.41 3.93
CA GLN A 627 -6.16 -16.64 4.40
C GLN A 627 -6.11 -16.61 5.91
N ARG A 628 -5.40 -17.55 6.51
CA ARG A 628 -5.26 -17.65 7.97
C ARG A 628 -4.54 -16.38 8.49
N ILE A 629 -3.56 -15.89 7.75
CA ILE A 629 -2.49 -15.07 8.37
C ILE A 629 -3.12 -13.83 8.99
N LEU A 630 -2.63 -13.48 10.16
CA LEU A 630 -3.00 -12.22 10.83
C LEU A 630 -1.91 -11.20 10.53
N ILE A 631 -2.27 -10.11 9.88
CA ILE A 631 -1.31 -9.00 9.61
C ILE A 631 -1.76 -7.74 10.36
N ASN A 632 -0.88 -7.17 11.18
CA ASN A 632 -1.17 -5.97 11.98
C ASN A 632 0.12 -5.17 12.11
N GLN A 633 0.00 -3.94 12.59
CA GLN A 633 1.08 -2.95 12.67
C GLN A 633 1.27 -2.54 14.12
N VAL A 634 2.54 -2.48 14.55
CA VAL A 634 2.93 -2.00 15.90
C VAL A 634 3.79 -0.77 15.67
N ASP A 635 3.31 0.37 16.15
CA ASP A 635 3.95 1.67 15.90
C ASP A 635 4.91 2.02 17.05
N LEU A 636 6.17 2.21 16.70
CA LEU A 636 7.25 2.72 17.62
C LEU A 636 7.43 4.22 17.41
N THR A 637 6.58 4.80 16.57
CA THR A 637 6.54 6.24 16.21
C THR A 637 5.35 6.85 16.95
N ARG A 638 5.56 8.00 17.59
CA ARG A 638 4.52 8.88 18.16
C ARG A 638 4.52 10.21 17.41
N ARG A 639 3.40 10.92 17.53
CA ARG A 639 3.10 12.26 16.94
C ARG A 639 4.02 13.34 17.54
N ALA A 640 4.29 13.34 18.84
CA ALA A 640 4.94 14.49 19.51
C ALA A 640 5.98 13.97 20.53
N ARG A 641 7.12 14.66 20.64
CA ARG A 641 8.19 14.28 21.59
C ARG A 641 7.68 14.20 23.04
N ALA A 642 6.76 15.08 23.42
CA ALA A 642 6.22 15.17 24.81
C ALA A 642 5.57 13.83 25.26
N GLU A 643 5.16 12.98 24.32
CA GLU A 643 4.53 11.69 24.68
C GLU A 643 5.59 10.63 24.95
N GLU A 644 6.86 10.87 24.59
CA GLU A 644 7.92 9.84 24.65
C GLU A 644 8.36 9.68 26.10
N PRO A 645 8.84 8.48 26.49
CA PRO A 645 9.50 8.31 27.78
C PRO A 645 10.68 9.29 27.98
N ARG A 646 10.85 9.73 29.21
CA ARG A 646 11.87 10.76 29.56
C ARG A 646 12.93 10.19 30.53
N ASP A 647 12.69 9.05 31.18
CA ASP A 647 13.63 8.50 32.17
C ASP A 647 13.71 6.99 31.99
N PRO A 648 14.65 6.33 32.69
CA PRO A 648 14.84 4.89 32.53
C PRO A 648 13.60 4.07 32.89
N HIS A 649 12.85 4.52 33.90
CA HIS A 649 11.62 3.80 34.34
C HIS A 649 10.60 3.83 33.17
N GLU A 650 10.34 4.99 32.60
CA GLU A 650 9.34 5.15 31.52
C GLU A 650 9.85 4.34 30.31
N ARG A 651 11.17 4.27 30.13
CA ARG A 651 11.75 3.48 28.99
C ARG A 651 11.43 2.00 29.18
N GLN A 652 11.62 1.50 30.39
CA GLN A 652 11.31 0.08 30.70
C GLN A 652 9.82 -0.14 30.45
N GLN A 653 8.99 0.80 30.90
CA GLN A 653 7.53 0.68 30.63
C GLN A 653 7.28 0.55 29.12
N GLU A 654 7.91 1.41 28.32
CA GLU A 654 7.77 1.43 26.84
C GLU A 654 8.22 0.10 26.22
N LEU A 655 9.38 -0.43 26.62
CA LEU A 655 9.85 -1.71 26.04
C LEU A 655 8.97 -2.86 26.48
N GLU A 656 8.44 -2.83 27.71
CA GLU A 656 7.44 -3.86 28.09
C GLU A 656 6.18 -3.73 27.20
N ARG A 657 5.67 -2.53 26.97
CA ARG A 657 4.49 -2.32 26.06
C ARG A 657 4.79 -2.84 24.63
N PHE A 658 6.01 -2.62 24.13
CA PHE A 658 6.41 -3.14 22.80
C PHE A 658 6.23 -4.66 22.73
N ILE A 659 6.77 -5.39 23.70
CA ILE A 659 6.68 -6.88 23.76
C ILE A 659 5.19 -7.26 23.85
N GLU A 660 4.46 -6.58 24.73
CA GLU A 660 3.02 -6.85 24.87
C GLU A 660 2.30 -6.65 23.52
N ALA A 661 2.51 -5.52 22.88
CA ALA A 661 1.89 -5.19 21.59
C ALA A 661 2.22 -6.26 20.57
N VAL A 662 3.48 -6.66 20.44
CA VAL A 662 3.87 -7.67 19.41
C VAL A 662 3.19 -9.00 19.74
N LEU A 663 3.15 -9.37 21.01
CA LEU A 663 2.49 -10.64 21.39
C LEU A 663 0.98 -10.56 21.14
N LEU A 664 0.38 -9.39 21.40
CA LEU A 664 -1.07 -9.19 21.17
C LEU A 664 -1.41 -9.44 19.69
N VAL A 665 -0.56 -9.03 18.76
CA VAL A 665 -0.91 -9.24 17.32
C VAL A 665 -0.32 -10.55 16.74
N THR A 666 0.67 -11.19 17.37
CA THR A 666 1.32 -12.39 16.80
C THR A 666 0.84 -13.69 17.42
N ALA A 667 0.29 -13.71 18.64
CA ALA A 667 -0.14 -14.99 19.24
C ALA A 667 -1.30 -15.51 18.40
N PRO A 668 -1.18 -16.70 17.79
CA PRO A 668 -2.24 -17.19 16.91
C PRO A 668 -3.56 -17.43 17.66
N LEU A 669 -4.65 -17.33 16.91
CA LEU A 669 -6.01 -17.69 17.34
C LEU A 669 -6.10 -19.21 17.34
N PRO A 670 -6.52 -19.85 18.45
CA PRO A 670 -6.90 -21.26 18.40
C PRO A 670 -8.04 -21.35 17.38
N PRO A 671 -7.99 -22.24 16.35
CA PRO A 671 -8.79 -22.03 15.12
C PRO A 671 -10.33 -21.96 15.31
N GLU A 672 -10.82 -22.47 16.44
CA GLU A 672 -12.26 -22.37 16.77
C GLU A 672 -12.62 -20.91 17.08
N ALA A 673 -11.66 -20.11 17.56
CA ALA A 673 -11.92 -18.73 17.99
C ALA A 673 -11.91 -17.78 16.79
N ASP A 674 -11.45 -18.27 15.63
CA ASP A 674 -11.32 -17.42 14.39
C ASP A 674 -12.71 -17.36 13.72
N THR A 675 -13.70 -16.89 14.46
CA THR A 675 -15.08 -16.64 13.95
C THR A 675 -14.97 -15.54 12.90
N ARG A 676 -16.01 -15.34 12.11
CA ARG A 676 -16.13 -14.12 11.29
C ARG A 676 -15.85 -12.90 12.19
N TYR A 677 -16.52 -12.81 13.34
CA TYR A 677 -16.44 -11.68 14.32
C TYR A 677 -14.99 -11.51 14.82
N ALA A 678 -14.35 -12.54 15.38
CA ALA A 678 -13.04 -12.37 16.04
C ALA A 678 -11.96 -12.19 14.97
N GLY A 679 -12.17 -12.79 13.80
CA GLY A 679 -11.24 -12.76 12.66
C GLY A 679 -11.05 -11.35 12.14
N ARG A 680 -12.12 -10.57 12.04
CA ARG A 680 -12.04 -9.19 11.53
C ARG A 680 -11.36 -8.30 12.57
N ILE A 681 -11.55 -8.57 13.86
CA ILE A 681 -10.88 -7.79 14.94
C ILE A 681 -9.35 -7.90 14.91
N HIS A 682 -8.81 -9.09 14.60
CA HIS A 682 -7.38 -9.45 14.77
C HIS A 682 -6.59 -9.28 13.46
N ARG A 683 -7.15 -8.60 12.46
CA ARG A 683 -6.49 -8.31 11.14
C ARG A 683 -6.57 -6.84 10.75
N GLY A 684 -5.49 -6.33 10.20
CA GLY A 684 -5.45 -4.98 9.59
C GLY A 684 -5.44 -3.84 10.59
N ARG A 685 -5.04 -4.06 11.83
CA ARG A 685 -5.10 -3.00 12.87
C ARG A 685 -3.70 -2.49 13.17
N ALA A 686 -3.62 -1.32 13.80
CA ALA A 686 -2.35 -0.70 14.23
C ALA A 686 -2.48 -0.30 15.69
N ILE A 687 -1.43 -0.52 16.47
CA ILE A 687 -1.43 -0.04 17.89
C ILE A 687 -0.13 0.75 18.12
N THR A 688 -0.21 1.78 18.96
CA THR A 688 0.96 2.66 19.20
C THR A 688 1.53 2.36 20.60
N VAL A 689 2.82 2.04 20.65
CA VAL A 689 3.49 1.73 21.94
C VAL A 689 3.80 3.05 22.68
C1 GOL B . 3.57 -11.93 -8.96
O1 GOL B . 3.75 -12.36 -7.62
C2 GOL B . 4.54 -12.62 -9.91
O2 GOL B . 4.24 -14.02 -9.99
C3 GOL B . 5.99 -12.42 -9.54
O3 GOL B . 6.40 -11.08 -9.69
O1 TLA C . 21.16 22.97 2.39
O11 TLA C . 20.74 24.96 1.61
C1 TLA C . 20.63 24.08 2.48
C2 TLA C . 19.80 24.37 3.69
O2 TLA C . 19.31 25.71 3.62
C3 TLA C . 20.66 24.22 4.94
O3 TLA C . 21.78 25.10 4.86
C4 TLA C . 19.84 24.53 6.15
O4 TLA C . 20.14 25.53 6.83
O41 TLA C . 18.89 23.80 6.43
O1 TLA D . 12.06 -14.97 -4.40
O11 TLA D . 10.28 -15.79 -3.43
C1 TLA D . 10.84 -14.93 -4.13
C2 TLA D . 10.02 -13.82 -4.71
O2 TLA D . 8.65 -13.95 -4.30
C3 TLA D . 10.10 -13.94 -6.21
O3 TLA D . 9.80 -15.27 -6.59
C4 TLA D . 9.11 -13.00 -6.80
O4 TLA D . 9.38 -11.78 -6.78
O41 TLA D . 8.06 -13.46 -7.28
#